data_2ZML
#
_entry.id   2ZML
#
_cell.length_a   157.928
_cell.length_b   91.524
_cell.length_c   73.654
_cell.angle_alpha   90.00
_cell.angle_beta   90.00
_cell.angle_gamma   90.00
#
_symmetry.space_group_name_H-M   'P 21 21 2'
#
loop_
_entity.id
_entity.type
_entity.pdbx_description
1 polymer 'Basic agglutinin'
2 branched alpha-D-galactopyranose-(1-4)-alpha-D-galactopyranose
3 branched alpha-L-fucopyranose-(1-3)-[2-acetamido-2-deoxy-beta-D-glucopyranose-(1-4)]2-acetamido-2-deoxy-beta-D-glucopyranose
4 branched alpha-L-fucopyranose-(1-3)-2-acetamido-2-deoxy-beta-D-glucopyranose
5 non-polymer 2-acetamido-2-deoxy-beta-D-glucopyranose
6 non-polymer 'MANGANESE (II) ION'
7 non-polymer 'CALCIUM ION'
8 water water
#
_entity_poly.entity_id   1
_entity_poly.type   'polypeptide(L)'
_entity_poly.pdbx_seq_one_letter_code
;KTISFNFNQFHQNEEQLKLQRDARISSNSVLELTKVVNGVPTWNSTGRALYAKPVQVWDSTTGNVASFETRFSFSIRQPF
PRPHPADGLVFFIAPPNTQTGEGGGYFGIYNPLSPYPFVAVEFDTFRNTWDPQIPHIGIDVNSVISTKTVPFTLDNGGIA
NVVIKYDASTKILHVVLVFPSLGTIYTIADIVDLKQVLPESVNVGFSAATGDPSGKQRNATETHDILSWSFSASLPGTNE
F
;
_entity_poly.pdbx_strand_id   A,B,C,D
#
# COMPACT_ATOMS: atom_id res chain seq x y z
N LYS A 1 -3.49 -4.54 20.25
CA LYS A 1 -4.20 -5.83 20.53
C LYS A 1 -3.49 -7.01 19.85
N THR A 2 -2.62 -7.67 20.61
CA THR A 2 -1.87 -8.82 20.11
C THR A 2 -2.42 -10.09 20.73
N ILE A 3 -2.69 -11.09 19.90
CA ILE A 3 -3.20 -12.36 20.38
C ILE A 3 -2.21 -13.43 19.92
N SER A 4 -1.88 -14.38 20.79
CA SER A 4 -0.95 -15.43 20.40
C SER A 4 -1.03 -16.71 21.22
N PHE A 5 -0.54 -17.81 20.65
CA PHE A 5 -0.53 -19.08 21.34
C PHE A 5 0.53 -19.99 20.75
N ASN A 6 0.94 -20.99 21.53
CA ASN A 6 1.95 -21.93 21.09
C ASN A 6 1.73 -23.34 21.61
N PHE A 7 1.92 -24.32 20.74
CA PHE A 7 1.79 -25.72 21.11
C PHE A 7 3.02 -26.44 20.59
N ASN A 8 3.90 -26.84 21.52
CA ASN A 8 5.10 -27.58 21.17
C ASN A 8 4.72 -29.04 20.94
N GLN A 9 3.57 -29.41 21.48
CA GLN A 9 3.01 -30.76 21.37
C GLN A 9 1.55 -30.61 21.72
N PHE A 10 0.81 -31.70 21.62
CA PHE A 10 -0.62 -31.69 21.90
C PHE A 10 -0.99 -32.72 22.98
N HIS A 11 -1.77 -32.28 23.95
CA HIS A 11 -2.22 -33.14 25.03
C HIS A 11 -3.67 -33.48 24.86
N GLN A 12 -4.06 -34.66 25.33
CA GLN A 12 -5.45 -35.07 25.23
C GLN A 12 -6.30 -34.20 26.15
N ASN A 13 -7.47 -33.82 25.66
CA ASN A 13 -8.41 -32.97 26.40
C ASN A 13 -8.01 -31.50 26.48
N GLU A 14 -7.03 -31.10 25.67
CA GLU A 14 -6.56 -29.71 25.63
C GLU A 14 -7.78 -28.77 25.58
N GLU A 15 -7.91 -27.90 26.57
CA GLU A 15 -9.05 -26.99 26.64
C GLU A 15 -9.05 -25.85 25.61
N GLN A 16 -7.92 -25.58 24.96
CA GLN A 16 -7.88 -24.51 23.98
C GLN A 16 -8.04 -24.98 22.53
N LEU A 17 -8.44 -26.23 22.35
CA LEU A 17 -8.67 -26.77 21.02
C LEU A 17 -10.05 -27.40 20.88
N LYS A 18 -10.70 -27.14 19.77
CA LYS A 18 -12.01 -27.73 19.51
C LYS A 18 -11.79 -28.77 18.43
N LEU A 19 -11.95 -30.04 18.81
CA LEU A 19 -11.78 -31.12 17.86
C LEU A 19 -13.14 -31.47 17.28
N GLN A 20 -13.19 -31.71 15.97
CA GLN A 20 -14.46 -32.05 15.32
C GLN A 20 -14.30 -33.31 14.48
N ARG A 21 -15.38 -34.08 14.40
CA ARG A 21 -15.40 -35.31 13.64
C ARG A 21 -14.31 -36.30 14.03
N ASP A 22 -13.58 -36.82 13.06
CA ASP A 22 -12.55 -37.82 13.32
C ASP A 22 -11.26 -37.33 13.97
N ALA A 23 -11.15 -36.03 14.20
CA ALA A 23 -9.93 -35.48 14.80
C ALA A 23 -9.70 -35.93 16.24
N ARG A 24 -8.46 -36.30 16.55
CA ARG A 24 -8.13 -36.74 17.88
C ARG A 24 -6.64 -36.59 18.18
N ILE A 25 -6.31 -36.44 19.47
CA ILE A 25 -4.93 -36.29 19.89
C ILE A 25 -4.41 -37.63 20.42
N SER A 26 -3.32 -38.11 19.85
CA SER A 26 -2.75 -39.39 20.25
C SER A 26 -1.96 -39.34 21.56
N SER A 27 -1.59 -40.52 22.03
CA SER A 27 -0.83 -40.68 23.26
C SER A 27 0.51 -39.95 23.17
N ASN A 28 1.23 -40.15 22.06
CA ASN A 28 2.52 -39.51 21.89
C ASN A 28 2.42 -38.05 21.49
N SER A 29 1.31 -37.42 21.81
CA SER A 29 1.12 -36.01 21.55
C SER A 29 1.02 -35.43 20.15
N VAL A 30 0.57 -36.18 19.16
CA VAL A 30 0.44 -35.58 17.83
C VAL A 30 -1.05 -35.40 17.52
N LEU A 31 -1.37 -34.33 16.78
CA LEU A 31 -2.76 -34.07 16.42
C LEU A 31 -3.08 -34.81 15.13
N GLU A 32 -3.87 -35.87 15.23
CA GLU A 32 -4.24 -36.65 14.05
C GLU A 32 -5.58 -36.17 13.53
N LEU A 33 -5.55 -35.44 12.42
CA LEU A 33 -6.76 -34.89 11.83
C LEU A 33 -7.66 -35.97 11.29
N THR A 34 -7.08 -36.92 10.58
CA THR A 34 -7.87 -38.01 10.01
C THR A 34 -7.60 -39.34 10.69
N LYS A 35 -8.59 -40.22 10.61
CA LYS A 35 -8.56 -41.54 11.23
C LYS A 35 -7.39 -42.45 10.87
N VAL A 36 -6.83 -43.08 11.89
CA VAL A 36 -5.72 -44.01 11.73
C VAL A 36 -5.93 -45.12 12.76
N VAL A 37 -6.12 -46.36 12.29
CA VAL A 37 -6.35 -47.49 13.20
C VAL A 37 -5.25 -48.55 13.13
N ASN A 38 -4.70 -48.89 14.29
CA ASN A 38 -3.65 -49.88 14.33
C ASN A 38 -2.49 -49.48 13.46
N GLY A 39 -2.17 -48.18 13.47
CA GLY A 39 -1.06 -47.70 12.65
C GLY A 39 -1.36 -47.57 11.17
N VAL A 40 -2.62 -47.75 10.78
CA VAL A 40 -2.99 -47.66 9.39
C VAL A 40 -4.10 -46.65 9.15
N PRO A 41 -3.89 -45.70 8.23
CA PRO A 41 -4.90 -44.68 7.93
C PRO A 41 -6.03 -45.29 7.11
N THR A 42 -7.25 -44.86 7.38
CA THR A 42 -8.39 -45.38 6.64
C THR A 42 -8.99 -44.31 5.75
N TRP A 43 -9.89 -44.72 4.87
CA TRP A 43 -10.55 -43.81 3.96
C TRP A 43 -11.81 -43.27 4.63
N ASN A 44 -12.61 -42.51 3.88
CA ASN A 44 -13.85 -41.98 4.39
C ASN A 44 -13.68 -41.25 5.73
N SER A 45 -12.54 -40.57 5.91
CA SER A 45 -12.30 -39.84 7.15
C SER A 45 -12.16 -38.33 6.98
N THR A 46 -12.68 -37.58 7.95
CA THR A 46 -12.62 -36.13 7.91
C THR A 46 -12.51 -35.58 9.33
N GLY A 47 -11.58 -34.64 9.54
CA GLY A 47 -11.42 -34.06 10.86
C GLY A 47 -10.89 -32.65 10.81
N ARG A 48 -11.24 -31.86 11.83
CA ARG A 48 -10.81 -30.47 11.93
C ARG A 48 -10.35 -30.20 13.35
N ALA A 49 -9.55 -29.16 13.51
CA ALA A 49 -9.07 -28.76 14.82
C ALA A 49 -9.05 -27.24 14.80
N LEU A 50 -9.84 -26.62 15.67
CA LEU A 50 -9.90 -25.18 15.74
C LEU A 50 -9.38 -24.65 17.05
N TYR A 51 -8.79 -23.47 17.03
CA TYR A 51 -8.32 -22.85 18.27
C TYR A 51 -9.64 -22.43 18.94
N ALA A 52 -9.85 -22.86 20.17
CA ALA A 52 -11.09 -22.58 20.90
C ALA A 52 -11.62 -21.15 20.88
N LYS A 53 -10.74 -20.16 21.02
CA LYS A 53 -11.20 -18.78 21.02
C LYS A 53 -11.18 -18.13 19.66
N PRO A 54 -12.08 -17.16 19.43
CA PRO A 54 -12.10 -16.50 18.13
C PRO A 54 -11.05 -15.40 18.09
N VAL A 55 -10.54 -15.10 16.91
CA VAL A 55 -9.54 -14.05 16.76
C VAL A 55 -10.15 -12.94 15.92
N GLN A 56 -9.77 -11.70 16.20
CA GLN A 56 -10.30 -10.57 15.43
C GLN A 56 -9.29 -10.19 14.35
N VAL A 57 -9.65 -10.41 13.09
CA VAL A 57 -8.75 -10.06 11.99
C VAL A 57 -8.89 -8.62 11.48
N TRP A 58 -10.01 -7.98 11.79
CA TRP A 58 -10.21 -6.58 11.40
C TRP A 58 -11.30 -5.91 12.24
N ASP A 59 -11.21 -4.59 12.34
CA ASP A 59 -12.14 -3.81 13.13
C ASP A 59 -12.91 -2.83 12.26
N SER A 60 -14.24 -2.96 12.28
CA SER A 60 -15.10 -2.10 11.47
C SER A 60 -15.06 -0.64 11.92
N THR A 61 -14.74 -0.41 13.19
CA THR A 61 -14.67 0.94 13.73
C THR A 61 -13.52 1.74 13.12
N THR A 62 -12.33 1.17 13.17
CA THR A 62 -11.13 1.83 12.65
C THR A 62 -10.84 1.46 11.20
N GLY A 63 -11.40 0.33 10.76
CA GLY A 63 -11.17 -0.13 9.41
C GLY A 63 -9.86 -0.90 9.28
N ASN A 64 -9.08 -0.90 10.34
CA ASN A 64 -7.78 -1.58 10.37
C ASN A 64 -7.88 -3.09 10.23
N VAL A 65 -6.86 -3.68 9.61
CA VAL A 65 -6.80 -5.11 9.41
C VAL A 65 -5.59 -5.67 10.13
N ALA A 66 -5.71 -6.86 10.67
CA ALA A 66 -4.62 -7.47 11.40
C ALA A 66 -3.59 -8.11 10.50
N SER A 67 -2.38 -8.23 11.02
CA SER A 67 -1.29 -8.91 10.35
C SER A 67 -1.09 -10.12 11.23
N PHE A 68 -0.71 -11.25 10.65
CA PHE A 68 -0.50 -12.42 11.47
C PHE A 68 0.57 -13.33 10.90
N GLU A 69 1.10 -14.18 11.76
CA GLU A 69 2.11 -15.13 11.37
C GLU A 69 1.79 -16.44 12.06
N THR A 70 1.90 -17.54 11.33
CA THR A 70 1.63 -18.83 11.94
C THR A 70 2.63 -19.83 11.43
N ARG A 71 3.10 -20.69 12.33
CA ARG A 71 4.07 -21.72 11.98
C ARG A 71 3.58 -23.03 12.56
N PHE A 72 3.79 -24.11 11.81
CA PHE A 72 3.40 -25.42 12.27
C PHE A 72 4.15 -26.49 11.51
N SER A 73 4.17 -27.69 12.07
CA SER A 73 4.84 -28.80 11.43
C SER A 73 3.82 -29.89 11.24
N PHE A 74 3.88 -30.56 10.10
CA PHE A 74 2.93 -31.63 9.84
C PHE A 74 3.66 -32.76 9.21
N SER A 75 3.00 -33.91 9.16
CA SER A 75 3.57 -35.09 8.55
C SER A 75 2.50 -35.86 7.81
N ILE A 76 2.79 -36.21 6.57
CA ILE A 76 1.87 -36.98 5.76
C ILE A 76 2.55 -38.27 5.33
N ARG A 77 2.05 -39.40 5.82
CA ARG A 77 2.63 -40.69 5.50
C ARG A 77 1.73 -41.48 4.55
N GLN A 78 2.22 -41.77 3.36
CA GLN A 78 1.42 -42.41 2.32
C GLN A 78 1.81 -43.87 2.21
N PRO A 79 1.13 -44.74 2.99
CA PRO A 79 1.38 -46.18 3.03
C PRO A 79 1.12 -46.91 1.71
N PHE A 80 0.08 -46.51 1.01
CA PHE A 80 -0.29 -47.15 -0.25
C PHE A 80 -0.07 -46.30 -1.49
N PRO A 81 0.98 -46.57 -2.26
CA PRO A 81 1.26 -45.80 -3.47
C PRO A 81 0.09 -45.81 -4.46
N ARG A 82 -0.38 -47.01 -4.80
CA ARG A 82 -1.46 -47.20 -5.77
C ARG A 82 -2.80 -47.55 -5.12
N PRO A 83 -3.91 -47.07 -5.70
CA PRO A 83 -3.94 -46.24 -6.91
C PRO A 83 -3.58 -44.78 -6.69
N HIS A 84 -3.93 -44.22 -5.53
CA HIS A 84 -3.63 -42.82 -5.29
C HIS A 84 -4.01 -42.30 -3.89
N PRO A 85 -3.08 -41.59 -3.23
CA PRO A 85 -3.37 -41.07 -1.89
C PRO A 85 -4.37 -39.91 -1.95
N ALA A 86 -5.08 -39.69 -0.85
CA ALA A 86 -6.07 -38.62 -0.75
C ALA A 86 -6.34 -38.29 0.70
N ASP A 87 -6.74 -37.06 1.01
CA ASP A 87 -6.91 -35.99 0.04
C ASP A 87 -5.98 -34.80 0.29
N GLY A 88 -5.58 -34.61 1.55
CA GLY A 88 -4.69 -33.52 1.90
C GLY A 88 -5.19 -32.77 3.11
N LEU A 89 -4.43 -31.75 3.54
CA LEU A 89 -4.80 -30.96 4.70
C LEU A 89 -4.64 -29.48 4.39
N VAL A 90 -5.30 -28.65 5.19
CA VAL A 90 -5.24 -27.22 4.98
C VAL A 90 -5.27 -26.48 6.28
N PHE A 91 -4.76 -25.25 6.23
CA PHE A 91 -4.79 -24.35 7.36
C PHE A 91 -5.91 -23.40 6.93
N PHE A 92 -6.84 -23.11 7.81
CA PHE A 92 -7.89 -22.23 7.37
C PHE A 92 -8.41 -21.22 8.40
N ILE A 93 -9.06 -20.19 7.86
CA ILE A 93 -9.67 -19.13 8.63
C ILE A 93 -11.11 -19.08 8.12
N ALA A 94 -12.07 -19.08 9.04
CA ALA A 94 -13.47 -19.02 8.66
C ALA A 94 -14.30 -18.37 9.76
N PRO A 95 -15.59 -18.10 9.48
CA PRO A 95 -16.44 -17.48 10.49
C PRO A 95 -16.52 -18.40 11.69
N PRO A 96 -16.75 -17.84 12.88
CA PRO A 96 -16.84 -18.71 14.06
C PRO A 96 -18.07 -19.59 14.10
N ASN A 97 -17.95 -20.73 14.76
CA ASN A 97 -19.05 -21.67 14.92
C ASN A 97 -19.51 -22.37 13.66
N THR A 98 -18.61 -22.77 12.78
CA THR A 98 -19.00 -23.48 11.57
C THR A 98 -18.90 -24.97 11.84
N GLN A 99 -19.52 -25.78 10.98
CA GLN A 99 -19.47 -27.23 11.11
C GLN A 99 -18.56 -27.79 10.02
N THR A 100 -18.14 -29.05 10.17
CA THR A 100 -17.30 -29.68 9.19
C THR A 100 -18.05 -29.74 7.85
N GLY A 101 -17.35 -29.42 6.77
CA GLY A 101 -17.98 -29.45 5.47
C GLY A 101 -17.84 -30.82 4.82
N GLU A 102 -17.96 -30.85 3.50
CA GLU A 102 -17.85 -32.09 2.74
C GLU A 102 -16.41 -32.60 2.81
N GLY A 103 -16.23 -33.92 2.74
CA GLY A 103 -14.90 -34.49 2.79
C GLY A 103 -14.26 -34.50 1.42
N GLY A 104 -13.44 -35.51 1.16
CA GLY A 104 -12.77 -35.60 -0.12
C GLY A 104 -12.02 -34.34 -0.51
N GLY A 105 -12.08 -34.00 -1.80
CA GLY A 105 -11.40 -32.83 -2.31
C GLY A 105 -11.82 -31.52 -1.67
N TYR A 106 -12.82 -31.55 -0.82
CA TYR A 106 -13.28 -30.33 -0.15
C TYR A 106 -12.62 -30.15 1.21
N PHE A 107 -11.76 -31.08 1.59
CA PHE A 107 -11.01 -31.02 2.84
C PHE A 107 -11.82 -30.84 4.12
N GLY A 108 -13.15 -30.76 4.01
CA GLY A 108 -13.94 -30.59 5.20
C GLY A 108 -14.20 -29.13 5.55
N ILE A 109 -13.88 -28.21 4.64
CA ILE A 109 -14.08 -26.79 4.91
C ILE A 109 -15.14 -26.16 4.01
N TYR A 110 -15.49 -26.86 2.95
CA TYR A 110 -16.50 -26.34 2.03
C TYR A 110 -17.78 -27.15 2.14
N ASN A 111 -18.89 -26.45 2.27
CA ASN A 111 -20.21 -27.07 2.38
C ASN A 111 -21.16 -26.41 1.38
N PRO A 112 -21.33 -27.03 0.21
CA PRO A 112 -22.21 -26.52 -0.85
C PRO A 112 -23.64 -26.15 -0.42
N LEU A 113 -24.20 -26.85 0.56
CA LEU A 113 -25.59 -26.56 0.99
C LEU A 113 -25.70 -25.26 1.79
N SER A 114 -24.60 -24.85 2.41
CA SER A 114 -24.57 -23.62 3.19
C SER A 114 -23.14 -23.10 3.18
N PRO A 115 -22.64 -22.71 2.00
CA PRO A 115 -21.28 -22.20 1.90
C PRO A 115 -21.00 -21.03 2.83
N TYR A 116 -19.87 -21.08 3.52
CA TYR A 116 -19.47 -19.98 4.37
C TYR A 116 -18.11 -19.52 3.85
N PRO A 117 -17.82 -18.23 3.93
CA PRO A 117 -16.53 -17.74 3.43
C PRO A 117 -15.34 -18.27 4.21
N PHE A 118 -14.18 -18.32 3.56
CA PHE A 118 -12.98 -18.80 4.19
C PHE A 118 -11.73 -18.52 3.36
N VAL A 119 -10.60 -18.47 4.05
CA VAL A 119 -9.31 -18.29 3.39
C VAL A 119 -8.53 -19.49 3.88
N ALA A 120 -7.88 -20.20 2.97
CA ALA A 120 -7.14 -21.38 3.37
C ALA A 120 -5.90 -21.66 2.53
N VAL A 121 -4.92 -22.30 3.16
CA VAL A 121 -3.70 -22.68 2.48
C VAL A 121 -3.79 -24.20 2.45
N GLU A 122 -3.81 -24.77 1.26
CA GLU A 122 -3.94 -26.22 1.14
C GLU A 122 -2.68 -26.95 0.72
N PHE A 123 -2.58 -28.19 1.17
CA PHE A 123 -1.48 -29.08 0.84
C PHE A 123 -2.22 -30.23 0.23
N ASP A 124 -2.49 -30.08 -1.06
CA ASP A 124 -3.27 -31.01 -1.87
C ASP A 124 -2.51 -32.20 -2.39
N THR A 125 -3.01 -33.39 -2.09
CA THR A 125 -2.35 -34.61 -2.51
C THR A 125 -3.08 -35.45 -3.58
N PHE A 126 -4.34 -35.13 -3.83
CA PHE A 126 -5.11 -35.86 -4.84
C PHE A 126 -5.54 -34.91 -5.93
N ARG A 127 -5.45 -35.34 -7.19
CA ARG A 127 -5.83 -34.47 -8.29
C ARG A 127 -7.29 -34.56 -8.72
N ASN A 128 -8.09 -33.58 -8.30
CA ASN A 128 -9.50 -33.51 -8.67
C ASN A 128 -9.59 -32.86 -10.05
N THR A 129 -10.80 -32.84 -10.63
CA THR A 129 -10.98 -32.26 -11.96
C THR A 129 -10.51 -30.81 -12.05
N TRP A 130 -10.64 -30.08 -10.94
CA TRP A 130 -10.25 -28.68 -10.90
C TRP A 130 -8.80 -28.43 -10.48
N ASP A 131 -8.05 -29.50 -10.28
CA ASP A 131 -6.65 -29.38 -9.85
C ASP A 131 -5.56 -29.53 -10.87
N PRO A 132 -4.40 -28.93 -10.58
CA PRO A 132 -3.24 -29.02 -11.45
C PRO A 132 -2.53 -30.24 -10.88
N GLN A 133 -1.35 -30.56 -11.38
CA GLN A 133 -0.60 -31.70 -10.89
C GLN A 133 -0.41 -31.65 -9.35
N ILE A 134 -0.46 -32.82 -8.71
CA ILE A 134 -0.28 -32.90 -7.26
C ILE A 134 1.04 -33.60 -6.95
N PRO A 135 1.58 -33.40 -5.74
CA PRO A 135 1.02 -32.54 -4.69
C PRO A 135 1.28 -31.09 -5.04
N HIS A 136 0.51 -30.19 -4.45
CA HIS A 136 0.72 -28.77 -4.68
C HIS A 136 0.24 -27.95 -3.50
N ILE A 137 0.83 -26.78 -3.31
CA ILE A 137 0.43 -25.87 -2.26
C ILE A 137 -0.52 -24.96 -3.00
N GLY A 138 -1.60 -24.56 -2.35
CA GLY A 138 -2.54 -23.68 -3.00
C GLY A 138 -3.16 -22.69 -2.06
N ILE A 139 -3.51 -21.53 -2.60
CA ILE A 139 -4.13 -20.50 -1.81
C ILE A 139 -5.59 -20.48 -2.24
N ASP A 140 -6.48 -20.76 -1.29
CA ASP A 140 -7.91 -20.81 -1.54
C ASP A 140 -8.70 -19.70 -0.89
N VAL A 141 -9.53 -19.03 -1.68
CA VAL A 141 -10.40 -17.97 -1.18
C VAL A 141 -11.85 -18.36 -1.48
N ASN A 142 -12.60 -18.72 -0.44
CA ASN A 142 -14.02 -19.12 -0.58
C ASN A 142 -14.24 -20.28 -1.54
N SER A 143 -13.16 -20.88 -2.01
CA SER A 143 -13.28 -21.97 -2.95
C SER A 143 -12.08 -22.89 -2.87
N VAL A 144 -12.24 -24.09 -3.39
CA VAL A 144 -11.19 -25.08 -3.40
C VAL A 144 -10.44 -24.98 -4.74
N ILE A 145 -10.88 -24.06 -5.58
CA ILE A 145 -10.22 -23.84 -6.86
C ILE A 145 -9.23 -22.71 -6.59
N SER A 146 -8.02 -23.09 -6.22
CA SER A 146 -6.96 -22.14 -5.86
C SER A 146 -6.74 -20.96 -6.80
N THR A 147 -6.35 -19.83 -6.21
CA THR A 147 -6.07 -18.62 -6.96
C THR A 147 -4.64 -18.73 -7.48
N LYS A 148 -3.77 -19.31 -6.66
CA LYS A 148 -2.37 -19.50 -7.00
C LYS A 148 -2.00 -20.91 -6.58
N THR A 149 -1.11 -21.54 -7.34
CA THR A 149 -0.72 -22.91 -7.07
C THR A 149 0.76 -23.15 -7.33
N VAL A 150 1.39 -23.99 -6.52
CA VAL A 150 2.79 -24.33 -6.73
C VAL A 150 3.01 -25.79 -6.37
N PRO A 151 3.65 -26.55 -7.26
CA PRO A 151 3.91 -27.97 -7.03
C PRO A 151 5.06 -28.23 -6.06
N PHE A 152 4.99 -29.34 -5.34
CA PHE A 152 6.05 -29.71 -4.42
C PHE A 152 6.13 -31.23 -4.32
N THR A 153 7.29 -31.73 -3.91
CA THR A 153 7.50 -33.16 -3.76
C THR A 153 7.46 -33.50 -2.29
N LEU A 154 6.53 -34.35 -1.91
CA LEU A 154 6.36 -34.74 -0.52
C LEU A 154 7.49 -35.62 0.04
N ASP A 155 7.76 -35.47 1.33
CA ASP A 155 8.75 -36.32 1.98
C ASP A 155 7.87 -37.28 2.75
N ASN A 156 7.53 -38.39 2.09
CA ASN A 156 6.67 -39.42 2.67
C ASN A 156 7.01 -39.74 4.12
N GLY A 157 6.09 -39.44 5.03
CA GLY A 157 6.31 -39.71 6.43
C GLY A 157 7.33 -38.79 7.10
N GLY A 158 7.89 -37.87 6.31
CA GLY A 158 8.87 -36.95 6.87
C GLY A 158 8.20 -35.77 7.54
N ILE A 159 9.01 -34.88 8.12
CA ILE A 159 8.48 -33.70 8.78
C ILE A 159 8.53 -32.50 7.84
N ALA A 160 7.50 -31.68 7.90
CA ALA A 160 7.41 -30.49 7.06
C ALA A 160 7.22 -29.27 7.94
N ASN A 161 7.96 -28.21 7.65
CA ASN A 161 7.84 -26.97 8.40
C ASN A 161 7.15 -25.96 7.52
N VAL A 162 6.14 -25.31 8.07
CA VAL A 162 5.38 -24.33 7.33
C VAL A 162 5.36 -22.99 8.05
N VAL A 163 5.53 -21.92 7.26
CA VAL A 163 5.49 -20.58 7.78
C VAL A 163 4.48 -19.84 6.90
N ILE A 164 3.46 -19.27 7.53
CA ILE A 164 2.45 -18.51 6.80
C ILE A 164 2.43 -17.12 7.40
N LYS A 165 2.55 -16.11 6.56
CA LYS A 165 2.61 -14.74 7.02
C LYS A 165 1.66 -13.87 6.24
N TYR A 166 0.96 -12.98 6.93
CA TYR A 166 0.04 -12.08 6.26
C TYR A 166 0.33 -10.63 6.62
N ASP A 167 0.59 -9.84 5.59
CA ASP A 167 0.89 -8.42 5.76
C ASP A 167 -0.34 -7.55 5.44
N ALA A 168 -0.93 -6.95 6.46
CA ALA A 168 -2.10 -6.13 6.23
C ALA A 168 -1.84 -4.95 5.29
N SER A 169 -0.69 -4.29 5.44
CA SER A 169 -0.38 -3.14 4.61
C SER A 169 -0.22 -3.45 3.13
N THR A 170 0.35 -4.61 2.79
CA THR A 170 0.51 -4.97 1.39
C THR A 170 -0.54 -5.95 0.94
N LYS A 171 -1.20 -6.58 1.90
CA LYS A 171 -2.22 -7.60 1.65
C LYS A 171 -1.60 -8.83 1.04
N ILE A 172 -0.32 -9.04 1.30
CA ILE A 172 0.37 -10.22 0.77
C ILE A 172 0.31 -11.38 1.74
N LEU A 173 -0.10 -12.54 1.23
CA LEU A 173 -0.15 -13.75 2.03
C LEU A 173 0.96 -14.60 1.43
N HIS A 174 1.99 -14.89 2.20
CA HIS A 174 3.06 -15.72 1.67
C HIS A 174 3.28 -16.92 2.55
N VAL A 175 3.38 -18.08 1.92
CA VAL A 175 3.59 -19.29 2.66
C VAL A 175 4.88 -19.93 2.19
N VAL A 176 5.59 -20.52 3.13
CA VAL A 176 6.85 -21.20 2.86
C VAL A 176 6.72 -22.63 3.36
N LEU A 177 7.22 -23.56 2.56
CA LEU A 177 7.17 -24.97 2.90
C LEU A 177 8.58 -25.53 2.88
N VAL A 178 9.01 -26.13 3.99
CA VAL A 178 10.35 -26.68 4.04
C VAL A 178 10.37 -28.10 4.56
N PHE A 179 11.11 -28.96 3.88
CA PHE A 179 11.27 -30.35 4.30
C PHE A 179 12.74 -30.44 4.71
N PRO A 180 13.04 -30.20 6.00
CA PRO A 180 14.41 -30.24 6.53
C PRO A 180 15.26 -31.48 6.20
N SER A 181 14.65 -32.65 6.06
CA SER A 181 15.42 -33.85 5.74
C SER A 181 15.92 -33.86 4.30
N LEU A 182 15.22 -33.16 3.42
CA LEU A 182 15.61 -33.10 2.01
C LEU A 182 16.26 -31.76 1.65
N GLY A 183 16.06 -30.77 2.52
CA GLY A 183 16.63 -29.46 2.26
C GLY A 183 15.90 -28.70 1.16
N THR A 184 14.69 -29.15 0.83
CA THR A 184 13.91 -28.51 -0.21
C THR A 184 13.07 -27.36 0.34
N ILE A 185 12.94 -26.29 -0.44
CA ILE A 185 12.19 -25.11 -0.05
C ILE A 185 11.19 -24.73 -1.12
N TYR A 186 9.94 -24.53 -0.73
CA TYR A 186 8.90 -24.15 -1.67
C TYR A 186 8.26 -22.87 -1.18
N THR A 187 7.99 -21.97 -2.10
CA THR A 187 7.40 -20.71 -1.71
C THR A 187 6.26 -20.30 -2.65
N ILE A 188 5.26 -19.64 -2.07
CA ILE A 188 4.12 -19.20 -2.85
C ILE A 188 3.50 -17.98 -2.17
N ALA A 189 3.00 -17.04 -2.96
CA ALA A 189 2.40 -15.85 -2.39
C ALA A 189 1.28 -15.30 -3.26
N ASP A 190 0.39 -14.54 -2.64
CA ASP A 190 -0.72 -13.94 -3.37
C ASP A 190 -1.32 -12.80 -2.56
N ILE A 191 -2.14 -12.00 -3.23
CA ILE A 191 -2.79 -10.87 -2.59
C ILE A 191 -4.20 -11.28 -2.18
N VAL A 192 -4.49 -11.10 -0.91
CA VAL A 192 -5.79 -11.45 -0.35
C VAL A 192 -6.25 -10.32 0.56
N ASP A 193 -7.46 -9.85 0.34
CA ASP A 193 -8.01 -8.78 1.16
C ASP A 193 -8.95 -9.39 2.19
N LEU A 194 -8.43 -9.70 3.38
CA LEU A 194 -9.24 -10.30 4.42
C LEU A 194 -10.51 -9.53 4.73
N LYS A 195 -10.40 -8.22 4.89
CA LYS A 195 -11.53 -7.36 5.20
C LYS A 195 -12.67 -7.56 4.22
N GLN A 196 -12.33 -7.92 3.00
CA GLN A 196 -13.32 -8.11 1.95
C GLN A 196 -13.99 -9.48 1.91
N VAL A 197 -13.33 -10.51 2.45
CA VAL A 197 -13.89 -11.85 2.41
C VAL A 197 -14.37 -12.42 3.73
N LEU A 198 -13.78 -11.97 4.82
CA LEU A 198 -14.13 -12.49 6.14
C LEU A 198 -14.74 -11.48 7.11
N PRO A 199 -15.44 -11.98 8.14
CA PRO A 199 -16.06 -11.13 9.15
C PRO A 199 -14.98 -10.69 10.16
N GLU A 200 -15.29 -9.71 11.00
CA GLU A 200 -14.32 -9.21 11.98
C GLU A 200 -13.71 -10.28 12.88
N SER A 201 -14.51 -11.24 13.31
CA SER A 201 -14.03 -12.31 14.17
C SER A 201 -14.06 -13.63 13.44
N VAL A 202 -13.00 -14.41 13.61
CA VAL A 202 -12.90 -15.70 12.94
C VAL A 202 -12.27 -16.77 13.81
N ASN A 203 -12.26 -17.99 13.29
CA ASN A 203 -11.64 -19.12 13.94
C ASN A 203 -10.48 -19.52 13.03
N VAL A 204 -9.40 -20.00 13.63
CA VAL A 204 -8.26 -20.43 12.85
C VAL A 204 -8.05 -21.89 13.20
N GLY A 205 -7.57 -22.69 12.25
CA GLY A 205 -7.36 -24.09 12.52
C GLY A 205 -6.96 -24.90 11.31
N PHE A 206 -7.08 -26.22 11.45
CA PHE A 206 -6.72 -27.15 10.39
C PHE A 206 -7.89 -28.06 10.07
N SER A 207 -7.83 -28.66 8.89
CA SER A 207 -8.84 -29.59 8.44
C SER A 207 -8.21 -30.48 7.40
N ALA A 208 -8.57 -31.75 7.42
CA ALA A 208 -8.03 -32.72 6.48
C ALA A 208 -9.06 -33.79 6.13
N ALA A 209 -8.80 -34.55 5.08
CA ALA A 209 -9.71 -35.59 4.67
C ALA A 209 -9.02 -36.67 3.86
N THR A 210 -9.51 -37.89 3.98
CA THR A 210 -8.97 -39.00 3.22
C THR A 210 -9.96 -39.36 2.13
N GLY A 211 -9.60 -40.35 1.31
CA GLY A 211 -10.45 -40.76 0.20
C GLY A 211 -11.93 -40.90 0.46
N ASP A 212 -12.73 -40.34 -0.43
CA ASP A 212 -14.18 -40.41 -0.34
C ASP A 212 -14.66 -41.78 -0.87
N PRO A 213 -15.63 -42.40 -0.18
CA PRO A 213 -16.17 -43.71 -0.58
C PRO A 213 -16.60 -43.80 -2.05
N SER A 214 -17.20 -42.73 -2.56
CA SER A 214 -17.66 -42.71 -3.95
C SER A 214 -16.56 -43.06 -4.95
N GLY A 215 -15.31 -42.91 -4.52
CA GLY A 215 -14.19 -43.24 -5.40
C GLY A 215 -13.93 -44.73 -5.39
N LYS A 216 -14.63 -45.39 -4.48
CA LYS A 216 -14.56 -46.84 -4.31
C LYS A 216 -13.13 -47.37 -4.22
N GLN A 217 -12.29 -46.65 -3.50
CA GLN A 217 -10.89 -47.02 -3.29
C GLN A 217 -10.48 -46.85 -1.82
N ARG A 218 -10.36 -47.97 -1.11
CA ARG A 218 -9.98 -47.94 0.29
C ARG A 218 -8.53 -47.52 0.47
N ASN A 219 -7.75 -47.65 -0.60
CA ASN A 219 -6.33 -47.26 -0.58
C ASN A 219 -6.15 -45.76 -0.73
N ALA A 220 -7.22 -45.05 -1.06
CA ALA A 220 -7.15 -43.61 -1.23
C ALA A 220 -7.11 -42.95 0.15
N THR A 221 -5.96 -43.06 0.81
CA THR A 221 -5.83 -42.51 2.14
C THR A 221 -4.38 -42.23 2.52
N GLU A 222 -4.20 -41.54 3.64
CA GLU A 222 -2.89 -41.18 4.15
C GLU A 222 -3.12 -40.53 5.50
N THR A 223 -2.06 -40.26 6.24
CA THR A 223 -2.22 -39.61 7.53
C THR A 223 -2.13 -38.10 7.32
N HIS A 224 -2.66 -37.36 8.28
CA HIS A 224 -2.62 -35.91 8.24
C HIS A 224 -2.33 -35.47 9.67
N ASP A 225 -1.06 -35.56 10.07
CA ASP A 225 -0.66 -35.22 11.43
C ASP A 225 -0.04 -33.84 11.63
N ILE A 226 -0.49 -33.15 12.67
CA ILE A 226 0.05 -31.84 13.00
C ILE A 226 0.92 -32.06 14.24
N LEU A 227 2.20 -31.73 14.14
CA LEU A 227 3.13 -31.94 15.23
C LEU A 227 3.29 -30.79 16.20
N SER A 228 3.10 -29.56 15.72
CA SER A 228 3.25 -28.39 16.59
C SER A 228 2.62 -27.21 15.89
N TRP A 229 2.34 -26.15 16.65
CA TRP A 229 1.72 -24.99 16.03
C TRP A 229 1.70 -23.71 16.85
N SER A 230 2.11 -22.60 16.24
CA SER A 230 2.09 -21.31 16.92
C SER A 230 1.35 -20.29 16.04
N PHE A 231 0.67 -19.35 16.69
CA PHE A 231 -0.09 -18.33 16.00
C PHE A 231 0.08 -17.00 16.73
N SER A 232 0.10 -15.92 15.96
CA SER A 232 0.30 -14.60 16.50
C SER A 232 -0.40 -13.64 15.54
N ALA A 233 -1.21 -12.74 16.09
CA ALA A 233 -1.94 -11.76 15.28
C ALA A 233 -1.96 -10.39 15.96
N SER A 234 -1.79 -9.33 15.17
CA SER A 234 -1.79 -7.99 15.70
C SER A 234 -2.75 -7.04 15.00
N LEU A 235 -3.62 -6.39 15.78
CA LEU A 235 -4.57 -5.42 15.24
C LEU A 235 -4.17 -4.07 15.81
N PRO A 236 -3.61 -3.18 14.98
CA PRO A 236 -3.19 -1.86 15.42
C PRO A 236 -4.35 -1.03 15.97
N GLY A 237 -5.57 -1.53 15.79
CA GLY A 237 -6.74 -0.83 16.30
C GLY A 237 -6.71 -0.62 17.82
N LYS B 1 11.19 -15.40 -23.90
CA LYS B 1 12.65 -15.73 -23.85
C LYS B 1 13.09 -16.07 -22.43
N THR B 2 13.04 -17.35 -22.08
CA THR B 2 13.45 -17.77 -20.74
C THR B 2 14.96 -17.92 -20.69
N ILE B 3 15.59 -17.14 -19.80
CA ILE B 3 17.04 -17.19 -19.63
C ILE B 3 17.33 -17.82 -18.28
N SER B 4 18.46 -18.51 -18.16
CA SER B 4 18.81 -19.13 -16.89
C SER B 4 20.23 -19.64 -16.88
N PHE B 5 20.88 -19.52 -15.73
CA PHE B 5 22.23 -20.01 -15.56
C PHE B 5 22.34 -20.61 -14.17
N ASN B 6 23.35 -21.44 -13.98
CA ASN B 6 23.52 -22.11 -12.71
C ASN B 6 24.98 -22.32 -12.39
N PHE B 7 25.38 -21.96 -11.17
CA PHE B 7 26.76 -22.14 -10.73
C PHE B 7 26.73 -23.03 -9.49
N ASN B 8 27.10 -24.29 -9.66
CA ASN B 8 27.12 -25.23 -8.54
C ASN B 8 28.40 -24.98 -7.77
N GLN B 9 29.37 -24.35 -8.43
CA GLN B 9 30.65 -24.02 -7.82
C GLN B 9 31.17 -22.80 -8.55
N PHE B 10 32.35 -22.31 -8.16
CA PHE B 10 32.96 -21.16 -8.82
C PHE B 10 34.40 -21.54 -9.18
N HIS B 11 34.77 -21.29 -10.43
CA HIS B 11 36.11 -21.63 -10.87
C HIS B 11 36.95 -20.37 -11.02
N GLN B 12 38.24 -20.52 -10.77
CA GLN B 12 39.18 -19.41 -10.90
C GLN B 12 39.00 -18.91 -12.33
N ASN B 13 39.00 -17.59 -12.50
CA ASN B 13 38.83 -17.04 -13.84
C ASN B 13 37.52 -17.51 -14.47
N GLU B 14 36.41 -17.00 -13.94
CA GLU B 14 35.10 -17.35 -14.46
C GLU B 14 34.72 -16.42 -15.60
N GLU B 15 34.65 -16.94 -16.81
CA GLU B 15 34.28 -16.12 -17.96
C GLU B 15 32.90 -15.50 -17.80
N GLN B 16 32.04 -16.20 -17.08
CA GLN B 16 30.66 -15.78 -16.87
C GLN B 16 30.47 -14.65 -15.85
N LEU B 17 31.51 -14.37 -15.06
CA LEU B 17 31.39 -13.32 -14.04
C LEU B 17 32.32 -12.14 -14.21
N LYS B 18 31.84 -10.99 -13.76
CA LYS B 18 32.60 -9.75 -13.77
C LYS B 18 32.86 -9.50 -12.28
N LEU B 19 34.11 -9.62 -11.88
CA LEU B 19 34.46 -9.37 -10.48
C LEU B 19 34.96 -7.93 -10.38
N GLN B 20 34.53 -7.22 -9.34
CA GLN B 20 34.93 -5.84 -9.14
C GLN B 20 35.48 -5.63 -7.75
N ARG B 21 36.45 -4.71 -7.65
CA ARG B 21 37.08 -4.38 -6.38
C ARG B 21 37.68 -5.59 -5.66
N ASP B 22 37.37 -5.75 -4.38
CA ASP B 22 37.92 -6.85 -3.59
C ASP B 22 37.38 -8.25 -3.86
N ALA B 23 36.39 -8.37 -4.73
CA ALA B 23 35.82 -9.68 -5.01
C ALA B 23 36.80 -10.64 -5.68
N ARG B 24 36.85 -11.87 -5.17
CA ARG B 24 37.74 -12.90 -5.68
C ARG B 24 37.14 -14.31 -5.54
N ILE B 25 37.69 -15.25 -6.28
CA ILE B 25 37.28 -16.65 -6.19
C ILE B 25 38.42 -17.40 -5.50
N SER B 26 38.10 -18.08 -4.41
CA SER B 26 39.12 -18.81 -3.64
C SER B 26 39.52 -20.14 -4.28
N SER B 27 40.54 -20.75 -3.70
CA SER B 27 41.06 -22.03 -4.15
C SER B 27 40.00 -23.12 -4.06
N ASN B 28 39.31 -23.18 -2.93
CA ASN B 28 38.27 -24.18 -2.75
C ASN B 28 36.96 -23.83 -3.45
N SER B 29 37.02 -22.90 -4.39
CA SER B 29 35.88 -22.50 -5.22
C SER B 29 34.73 -21.65 -4.66
N VAL B 30 34.93 -20.95 -3.56
CA VAL B 30 33.86 -20.11 -3.03
C VAL B 30 34.08 -18.69 -3.53
N LEU B 31 32.99 -17.96 -3.75
CA LEU B 31 33.07 -16.57 -4.20
C LEU B 31 33.17 -15.65 -2.98
N GLU B 32 34.35 -15.09 -2.76
CA GLU B 32 34.57 -14.21 -1.63
C GLU B 32 34.39 -12.77 -2.09
N LEU B 33 33.26 -12.17 -1.71
CA LEU B 33 32.94 -10.81 -2.08
C LEU B 33 33.88 -9.80 -1.44
N THR B 34 34.14 -9.97 -0.15
CA THR B 34 35.02 -9.06 0.56
C THR B 34 36.32 -9.73 0.95
N LYS B 35 37.35 -8.90 1.12
CA LYS B 35 38.70 -9.32 1.45
C LYS B 35 38.88 -10.17 2.70
N VAL B 36 39.67 -11.22 2.56
CA VAL B 36 39.98 -12.12 3.66
C VAL B 36 41.45 -12.56 3.49
N VAL B 37 42.30 -12.22 4.45
CA VAL B 37 43.72 -12.56 4.38
C VAL B 37 44.16 -13.54 5.48
N ASN B 38 44.73 -14.67 5.05
CA ASN B 38 45.19 -15.70 5.98
C ASN B 38 44.09 -16.24 6.87
N GLY B 39 42.89 -16.36 6.30
CA GLY B 39 41.75 -16.86 7.06
C GLY B 39 41.05 -15.82 7.93
N VAL B 40 41.46 -14.56 7.81
CA VAL B 40 40.86 -13.51 8.61
C VAL B 40 40.32 -12.38 7.75
N PRO B 41 39.04 -12.02 7.95
CA PRO B 41 38.43 -10.92 7.18
C PRO B 41 38.94 -9.58 7.67
N THR B 42 39.14 -8.65 6.76
CA THR B 42 39.62 -7.33 7.13
C THR B 42 38.55 -6.29 6.91
N TRP B 43 38.78 -5.09 7.42
CA TRP B 43 37.84 -4.00 7.28
C TRP B 43 38.15 -3.24 6.01
N ASN B 44 37.48 -2.12 5.79
CA ASN B 44 37.71 -1.29 4.62
C ASN B 44 37.69 -2.08 3.31
N SER B 45 36.84 -3.09 3.22
CA SER B 45 36.72 -3.90 2.01
C SER B 45 35.36 -3.84 1.33
N THR B 46 35.37 -3.84 0.00
CA THR B 46 34.15 -3.77 -0.79
C THR B 46 34.32 -4.56 -2.08
N GLY B 47 33.35 -5.40 -2.41
CA GLY B 47 33.42 -6.20 -3.62
C GLY B 47 32.07 -6.52 -4.22
N ARG B 48 32.04 -6.71 -5.54
CA ARG B 48 30.81 -7.04 -6.24
C ARG B 48 31.09 -8.15 -7.24
N ALA B 49 30.03 -8.86 -7.62
CA ALA B 49 30.14 -9.93 -8.58
C ALA B 49 28.90 -9.83 -9.44
N LEU B 50 29.08 -9.57 -10.73
CA LEU B 50 27.95 -9.45 -11.65
C LEU B 50 27.96 -10.55 -12.69
N TYR B 51 26.78 -10.97 -13.12
CA TYR B 51 26.69 -11.96 -14.18
C TYR B 51 27.13 -11.16 -15.41
N ALA B 52 28.12 -11.65 -16.14
CA ALA B 52 28.67 -10.97 -17.30
C ALA B 52 27.68 -10.45 -18.34
N LYS B 53 26.67 -11.24 -18.64
CA LYS B 53 25.66 -10.85 -19.63
C LYS B 53 24.48 -10.15 -18.97
N PRO B 54 23.80 -9.26 -19.71
CA PRO B 54 22.64 -8.54 -19.19
C PRO B 54 21.36 -9.36 -19.37
N VAL B 55 20.39 -9.14 -18.49
CA VAL B 55 19.13 -9.86 -18.58
C VAL B 55 18.03 -8.85 -18.86
N GLN B 56 17.03 -9.24 -19.61
CA GLN B 56 15.93 -8.33 -19.93
C GLN B 56 14.77 -8.61 -18.98
N VAL B 57 14.46 -7.64 -18.11
CA VAL B 57 13.38 -7.82 -17.15
C VAL B 57 12.02 -7.36 -17.66
N TRP B 58 12.02 -6.53 -18.70
CA TRP B 58 10.77 -6.08 -19.31
C TRP B 58 10.96 -5.55 -20.73
N ASP B 59 9.91 -5.63 -21.53
CA ASP B 59 9.95 -5.21 -22.91
C ASP B 59 9.00 -4.04 -23.17
N SER B 60 9.56 -2.93 -23.63
CA SER B 60 8.78 -1.73 -23.91
C SER B 60 7.77 -1.93 -25.03
N THR B 61 8.07 -2.84 -25.95
CA THR B 61 7.18 -3.11 -27.06
C THR B 61 5.86 -3.73 -26.62
N THR B 62 5.94 -4.80 -25.85
CA THR B 62 4.76 -5.50 -25.38
C THR B 62 4.30 -5.01 -24.01
N GLY B 63 5.21 -4.37 -23.28
CA GLY B 63 4.88 -3.86 -21.96
C GLY B 63 5.00 -4.95 -20.89
N ASN B 64 5.24 -6.18 -21.34
CA ASN B 64 5.36 -7.32 -20.44
C ASN B 64 6.56 -7.26 -19.52
N VAL B 65 6.40 -7.82 -18.32
CA VAL B 65 7.47 -7.84 -17.34
C VAL B 65 7.85 -9.29 -17.05
N ALA B 66 9.12 -9.52 -16.78
CA ALA B 66 9.59 -10.86 -16.52
C ALA B 66 9.35 -11.29 -15.09
N SER B 67 9.30 -12.60 -14.91
CA SER B 67 9.14 -13.21 -13.61
C SER B 67 10.49 -13.92 -13.45
N PHE B 68 11.01 -13.98 -12.24
CA PHE B 68 12.27 -14.65 -12.06
C PHE B 68 12.39 -15.32 -10.70
N GLU B 69 13.31 -16.27 -10.62
CA GLU B 69 13.55 -16.98 -9.39
C GLU B 69 15.06 -17.15 -9.25
N THR B 70 15.58 -16.90 -8.07
CA THR B 70 17.00 -17.06 -7.87
C THR B 70 17.25 -17.70 -6.53
N ARG B 71 18.21 -18.63 -6.49
CA ARG B 71 18.56 -19.32 -5.27
C ARG B 71 20.07 -19.26 -5.13
N PHE B 72 20.53 -19.12 -3.90
CA PHE B 72 21.95 -19.08 -3.63
C PHE B 72 22.22 -19.38 -2.17
N SER B 73 23.46 -19.76 -1.88
CA SER B 73 23.84 -20.05 -0.51
C SER B 73 24.99 -19.13 -0.17
N PHE B 74 24.99 -18.63 1.05
CA PHE B 74 26.06 -17.75 1.47
C PHE B 74 26.47 -18.11 2.87
N SER B 75 27.59 -17.56 3.31
CA SER B 75 28.07 -17.80 4.65
C SER B 75 28.73 -16.54 5.17
N ILE B 76 28.35 -16.15 6.37
CA ILE B 76 28.93 -14.99 7.00
C ILE B 76 29.55 -15.42 8.33
N ARG B 77 30.86 -15.30 8.43
CA ARG B 77 31.57 -15.70 9.63
C ARG B 77 32.11 -14.49 10.39
N GLN B 78 31.60 -14.28 11.60
CA GLN B 78 31.92 -13.08 12.36
C GLN B 78 32.93 -13.44 13.44
N PRO B 79 34.23 -13.32 13.12
CA PRO B 79 35.34 -13.63 14.02
C PRO B 79 35.41 -12.78 15.27
N PHE B 80 35.11 -11.49 15.12
CA PHE B 80 35.17 -10.55 16.23
C PHE B 80 33.82 -10.05 16.71
N PRO B 81 33.28 -10.66 17.78
CA PRO B 81 31.98 -10.32 18.38
C PRO B 81 31.82 -8.86 18.76
N ARG B 82 32.87 -8.29 19.38
CA ARG B 82 32.86 -6.89 19.79
C ARG B 82 33.86 -6.10 18.96
N PRO B 83 33.56 -4.83 18.66
CA PRO B 83 32.35 -4.11 19.08
C PRO B 83 31.13 -4.28 18.17
N HIS B 84 31.33 -4.65 16.91
CA HIS B 84 30.20 -4.80 15.98
C HIS B 84 30.62 -5.17 14.55
N PRO B 85 30.18 -6.34 14.07
CA PRO B 85 30.54 -6.77 12.71
C PRO B 85 29.92 -5.82 11.67
N ALA B 86 30.44 -5.82 10.44
CA ALA B 86 29.92 -4.95 9.38
C ALA B 86 30.34 -5.44 7.99
N ASP B 87 29.57 -5.16 6.95
CA ASP B 87 28.31 -4.42 7.01
C ASP B 87 27.16 -5.29 6.50
N GLY B 88 27.50 -6.32 5.73
CA GLY B 88 26.48 -7.20 5.17
C GLY B 88 26.66 -7.39 3.68
N LEU B 89 25.76 -8.12 3.05
CA LEU B 89 25.84 -8.36 1.61
C LEU B 89 24.45 -8.27 1.00
N VAL B 90 24.39 -8.00 -0.30
CA VAL B 90 23.11 -7.92 -0.95
C VAL B 90 23.09 -8.62 -2.30
N PHE B 91 21.89 -8.87 -2.78
CA PHE B 91 21.68 -9.44 -4.11
C PHE B 91 21.03 -8.24 -4.76
N PHE B 92 21.50 -7.82 -5.92
CA PHE B 92 20.87 -6.66 -6.53
C PHE B 92 20.66 -6.80 -8.02
N ILE B 93 19.83 -5.89 -8.54
CA ILE B 93 19.48 -5.79 -9.96
C ILE B 93 19.76 -4.30 -10.21
N ALA B 94 20.56 -4.00 -11.24
CA ALA B 94 20.88 -2.61 -11.55
C ALA B 94 21.08 -2.43 -13.05
N PRO B 95 21.17 -1.16 -13.50
CA PRO B 95 21.38 -0.92 -14.94
C PRO B 95 22.73 -1.52 -15.26
N PRO B 96 22.91 -2.00 -16.51
CA PRO B 96 24.20 -2.58 -16.85
C PRO B 96 25.33 -1.58 -16.85
N ASN B 97 26.56 -2.08 -16.71
CA ASN B 97 27.76 -1.25 -16.71
C ASN B 97 27.85 -0.18 -15.64
N THR B 98 27.58 -0.54 -14.38
CA THR B 98 27.68 0.42 -13.28
C THR B 98 29.02 0.20 -12.59
N GLN B 99 29.38 1.15 -11.74
CA GLN B 99 30.63 1.06 -11.00
C GLN B 99 30.34 0.87 -9.51
N THR B 100 31.24 0.22 -8.79
CA THR B 100 31.04 -0.02 -7.37
C THR B 100 30.74 1.31 -6.68
N GLY B 101 29.75 1.29 -5.78
CA GLY B 101 29.40 2.50 -5.07
C GLY B 101 30.19 2.63 -3.79
N GLU B 102 29.67 3.42 -2.86
CA GLU B 102 30.31 3.63 -1.56
C GLU B 102 30.30 2.33 -0.76
N GLY B 103 31.29 2.14 0.10
CA GLY B 103 31.35 0.94 0.92
C GLY B 103 30.53 1.10 2.19
N GLY B 104 30.97 0.46 3.26
CA GLY B 104 30.23 0.54 4.51
C GLY B 104 28.76 0.18 4.38
N GLY B 105 27.94 0.91 5.10
CA GLY B 105 26.50 0.66 5.10
C GLY B 105 25.84 0.78 3.74
N TYR B 106 26.59 1.17 2.72
CA TYR B 106 26.02 1.30 1.39
C TYR B 106 26.27 0.06 0.55
N PHE B 107 26.95 -0.93 1.15
CA PHE B 107 27.21 -2.21 0.50
C PHE B 107 27.91 -2.16 -0.85
N GLY B 108 28.22 -0.96 -1.34
CA GLY B 108 28.89 -0.87 -2.63
C GLY B 108 27.92 -0.75 -3.80
N ILE B 109 26.64 -0.52 -3.53
CA ILE B 109 25.65 -0.38 -4.59
C ILE B 109 25.08 1.02 -4.71
N TYR B 110 25.29 1.84 -3.68
CA TYR B 110 24.78 3.20 -3.70
C TYR B 110 25.93 4.19 -3.84
N ASN B 111 25.77 5.11 -4.77
CA ASN B 111 26.76 6.14 -5.03
C ASN B 111 26.09 7.52 -5.04
N PRO B 112 26.12 8.23 -3.90
CA PRO B 112 25.50 9.55 -3.76
C PRO B 112 25.91 10.57 -4.82
N LEU B 113 27.16 10.51 -5.26
CA LEU B 113 27.67 11.44 -6.26
C LEU B 113 27.29 11.11 -7.71
N SER B 114 26.37 10.17 -7.89
CA SER B 114 25.89 9.76 -9.21
C SER B 114 25.10 8.48 -9.00
N PRO B 115 23.92 8.60 -8.39
CA PRO B 115 22.99 7.51 -8.08
C PRO B 115 22.36 6.86 -9.29
N TYR B 116 22.34 5.53 -9.30
CA TYR B 116 21.70 4.79 -10.37
C TYR B 116 20.62 3.94 -9.71
N PRO B 117 19.49 3.73 -10.40
CA PRO B 117 18.43 2.93 -9.80
C PRO B 117 18.81 1.48 -9.56
N PHE B 118 18.15 0.85 -8.60
CA PHE B 118 18.42 -0.54 -8.29
C PHE B 118 17.39 -1.15 -7.37
N VAL B 119 17.27 -2.47 -7.43
CA VAL B 119 16.38 -3.21 -6.55
C VAL B 119 17.32 -4.21 -5.88
N ALA B 120 17.27 -4.30 -4.56
CA ALA B 120 18.16 -5.22 -3.87
C ALA B 120 17.58 -5.82 -2.61
N VAL B 121 18.06 -7.01 -2.28
CA VAL B 121 17.64 -7.71 -1.08
C VAL B 121 18.89 -7.71 -0.23
N GLU B 122 18.83 -7.09 0.93
CA GLU B 122 19.99 -7.02 1.78
C GLU B 122 19.96 -7.91 3.01
N PHE B 123 21.15 -8.29 3.45
CA PHE B 123 21.35 -9.10 4.64
C PHE B 123 22.29 -8.22 5.44
N ASP B 124 21.65 -7.29 6.14
CA ASP B 124 22.30 -6.25 6.94
C ASP B 124 22.76 -6.69 8.32
N THR B 125 24.05 -6.50 8.59
CA THR B 125 24.63 -6.89 9.86
C THR B 125 25.06 -5.76 10.79
N PHE B 126 25.11 -4.54 10.27
CA PHE B 126 25.50 -3.39 11.09
C PHE B 126 24.36 -2.38 11.15
N ARG B 127 24.11 -1.83 12.34
CA ARG B 127 23.02 -0.88 12.47
C ARG B 127 23.39 0.58 12.23
N ASN B 128 23.06 1.09 11.06
CA ASN B 128 23.31 2.48 10.70
C ASN B 128 22.17 3.32 11.27
N THR B 129 22.30 4.65 11.20
CA THR B 129 21.27 5.53 11.74
C THR B 129 19.88 5.28 11.16
N TRP B 130 19.83 4.83 9.90
CA TRP B 130 18.57 4.56 9.22
C TRP B 130 18.07 3.12 9.39
N ASP B 131 18.79 2.33 10.16
CA ASP B 131 18.41 0.92 10.34
C ASP B 131 17.69 0.53 11.61
N PRO B 132 16.95 -0.58 11.51
CA PRO B 132 16.21 -1.13 12.65
C PRO B 132 17.25 -2.10 13.24
N GLN B 133 16.87 -2.84 14.26
CA GLN B 133 17.78 -3.80 14.86
C GLN B 133 18.38 -4.76 13.82
N ILE B 134 19.65 -5.13 14.00
CA ILE B 134 20.31 -6.05 13.09
C ILE B 134 20.59 -7.36 13.80
N PRO B 135 20.80 -8.45 13.05
CA PRO B 135 20.78 -8.48 11.59
C PRO B 135 19.33 -8.44 11.11
N HIS B 136 19.13 -8.05 9.86
CA HIS B 136 17.79 -8.04 9.30
C HIS B 136 17.83 -8.21 7.80
N ILE B 137 16.75 -8.74 7.24
CA ILE B 137 16.64 -8.90 5.80
C ILE B 137 15.90 -7.64 5.42
N GLY B 138 16.25 -7.05 4.28
CA GLY B 138 15.56 -5.86 3.87
C GLY B 138 15.36 -5.78 2.37
N ILE B 139 14.29 -5.15 1.96
CA ILE B 139 14.02 -4.97 0.55
C ILE B 139 14.31 -3.51 0.25
N ASP B 140 15.27 -3.28 -0.65
CA ASP B 140 15.69 -1.94 -1.00
C ASP B 140 15.36 -1.54 -2.42
N VAL B 141 14.74 -0.38 -2.57
CA VAL B 141 14.39 0.16 -3.89
C VAL B 141 15.07 1.52 -4.05
N ASN B 142 16.10 1.59 -4.88
CA ASN B 142 16.83 2.83 -5.13
C ASN B 142 17.41 3.47 -3.88
N SER B 143 17.33 2.77 -2.77
CA SER B 143 17.83 3.31 -1.51
C SER B 143 18.21 2.20 -0.56
N VAL B 144 19.01 2.54 0.44
CA VAL B 144 19.45 1.59 1.44
C VAL B 144 18.49 1.66 2.64
N ILE B 145 17.50 2.55 2.54
CA ILE B 145 16.49 2.68 3.59
C ILE B 145 15.36 1.76 3.15
N SER B 146 15.42 0.51 3.59
CA SER B 146 14.45 -0.52 3.23
C SER B 146 12.97 -0.15 3.29
N THR B 147 12.20 -0.74 2.39
CA THR B 147 10.76 -0.52 2.35
C THR B 147 10.12 -1.45 3.36
N LYS B 148 10.69 -2.65 3.46
CA LYS B 148 10.19 -3.67 4.38
C LYS B 148 11.43 -4.28 5.04
N THR B 149 11.28 -4.67 6.30
CA THR B 149 12.40 -5.22 7.05
C THR B 149 11.95 -6.34 7.98
N VAL B 150 12.80 -7.35 8.15
CA VAL B 150 12.50 -8.45 9.05
C VAL B 150 13.79 -8.90 9.72
N PRO B 151 13.78 -9.04 11.05
CA PRO B 151 14.96 -9.46 11.80
C PRO B 151 15.24 -10.96 11.72
N PHE B 152 16.51 -11.33 11.84
CA PHE B 152 16.88 -12.73 11.80
C PHE B 152 18.13 -12.95 12.64
N THR B 153 18.34 -14.18 13.10
CA THR B 153 19.50 -14.51 13.90
C THR B 153 20.47 -15.27 13.03
N LEU B 154 21.67 -14.73 12.88
CA LEU B 154 22.69 -15.35 12.04
C LEU B 154 23.28 -16.64 12.62
N ASP B 155 23.66 -17.53 11.72
CA ASP B 155 24.31 -18.77 12.13
C ASP B 155 25.76 -18.46 11.78
N ASN B 156 26.49 -17.92 12.75
CA ASN B 156 27.88 -17.55 12.57
C ASN B 156 28.69 -18.62 11.85
N GLY B 157 29.19 -18.28 10.66
CA GLY B 157 29.97 -19.23 9.90
C GLY B 157 29.18 -20.39 9.32
N GLY B 158 27.87 -20.38 9.57
CA GLY B 158 27.04 -21.45 9.06
C GLY B 158 26.60 -21.19 7.62
N ILE B 159 25.88 -22.13 7.05
CA ILE B 159 25.41 -21.98 5.68
C ILE B 159 23.98 -21.47 5.67
N ALA B 160 23.70 -20.57 4.74
CA ALA B 160 22.36 -19.99 4.62
C ALA B 160 21.82 -20.24 3.22
N ASN B 161 20.57 -20.64 3.13
CA ASN B 161 19.94 -20.88 1.83
C ASN B 161 18.94 -19.77 1.60
N VAL B 162 19.02 -19.16 0.43
CA VAL B 162 18.13 -18.08 0.08
C VAL B 162 17.38 -18.36 -1.19
N VAL B 163 16.08 -18.05 -1.18
CA VAL B 163 15.24 -18.21 -2.35
C VAL B 163 14.56 -16.85 -2.55
N ILE B 164 14.75 -16.27 -3.74
CA ILE B 164 14.14 -14.99 -4.05
C ILE B 164 13.29 -15.22 -5.29
N LYS B 165 12.03 -14.82 -5.21
CA LYS B 165 11.11 -15.03 -6.30
C LYS B 165 10.35 -13.76 -6.63
N TYR B 166 10.18 -13.49 -7.93
CA TYR B 166 9.44 -12.31 -8.34
C TYR B 166 8.32 -12.67 -9.30
N ASP B 167 7.11 -12.30 -8.92
CA ASP B 167 5.92 -12.57 -9.72
C ASP B 167 5.49 -11.33 -10.48
N ALA B 168 5.67 -11.32 -11.80
CA ALA B 168 5.30 -10.15 -12.58
C ALA B 168 3.81 -9.83 -12.49
N SER B 169 2.96 -10.85 -12.49
CA SER B 169 1.52 -10.60 -12.44
C SER B 169 1.02 -9.96 -11.14
N THR B 170 1.62 -10.31 -10.02
CA THR B 170 1.20 -9.74 -8.74
C THR B 170 2.17 -8.66 -8.27
N LYS B 171 3.36 -8.64 -8.88
CA LYS B 171 4.41 -7.70 -8.54
C LYS B 171 4.94 -7.98 -7.12
N ILE B 172 4.79 -9.21 -6.67
CA ILE B 172 5.26 -9.58 -5.36
C ILE B 172 6.68 -10.12 -5.40
N LEU B 173 7.55 -9.55 -4.56
CA LEU B 173 8.91 -9.99 -4.44
C LEU B 173 8.95 -10.66 -3.06
N HIS B 174 9.19 -11.97 -3.03
CA HIS B 174 9.25 -12.64 -1.76
C HIS B 174 10.59 -13.35 -1.61
N VAL B 175 11.20 -13.17 -0.46
CA VAL B 175 12.47 -13.81 -0.20
C VAL B 175 12.32 -14.68 1.04
N VAL B 176 13.01 -15.82 1.00
CA VAL B 176 13.00 -16.79 2.08
C VAL B 176 14.44 -17.02 2.49
N LEU B 177 14.69 -17.05 3.79
CA LEU B 177 16.02 -17.28 4.32
C LEU B 177 15.97 -18.50 5.24
N VAL B 178 16.81 -19.49 4.97
CA VAL B 178 16.86 -20.68 5.80
C VAL B 178 18.26 -21.06 6.24
N PHE B 179 18.39 -21.37 7.52
CA PHE B 179 19.65 -21.81 8.09
C PHE B 179 19.41 -23.27 8.43
N PRO B 180 19.72 -24.19 7.50
CA PRO B 180 19.53 -25.62 7.70
C PRO B 180 20.09 -26.24 8.99
N SER B 181 21.20 -25.73 9.50
CA SER B 181 21.76 -26.27 10.74
C SER B 181 20.92 -25.94 11.97
N LEU B 182 20.19 -24.84 11.93
CA LEU B 182 19.37 -24.44 13.05
C LEU B 182 17.88 -24.72 12.81
N GLY B 183 17.53 -24.94 11.55
CA GLY B 183 16.15 -25.21 11.20
C GLY B 183 15.27 -23.98 11.24
N THR B 184 15.90 -22.80 11.27
CA THR B 184 15.15 -21.54 11.31
C THR B 184 14.77 -21.05 9.92
N ILE B 185 13.58 -20.47 9.82
CA ILE B 185 13.05 -19.98 8.56
C ILE B 185 12.57 -18.55 8.70
N TYR B 186 13.03 -17.68 7.80
CA TYR B 186 12.64 -16.28 7.84
C TYR B 186 12.05 -15.95 6.49
N THR B 187 10.97 -15.17 6.50
CA THR B 187 10.31 -14.80 5.27
C THR B 187 9.95 -13.32 5.25
N ILE B 188 9.99 -12.73 4.07
CA ILE B 188 9.67 -11.32 3.89
C ILE B 188 9.22 -11.09 2.45
N ALA B 189 8.25 -10.21 2.27
CA ALA B 189 7.73 -9.94 0.94
C ALA B 189 7.27 -8.50 0.80
N ASP B 190 7.24 -8.03 -0.45
CA ASP B 190 6.78 -6.68 -0.72
C ASP B 190 6.44 -6.53 -2.18
N ILE B 191 5.74 -5.44 -2.49
CA ILE B 191 5.33 -5.17 -3.87
C ILE B 191 6.33 -4.22 -4.50
N VAL B 192 6.88 -4.64 -5.63
CA VAL B 192 7.86 -3.84 -6.36
C VAL B 192 7.50 -3.87 -7.84
N ASP B 193 7.44 -2.69 -8.45
CA ASP B 193 7.13 -2.61 -9.88
C ASP B 193 8.43 -2.39 -10.64
N LEU B 194 9.05 -3.46 -11.09
CA LEU B 194 10.31 -3.37 -11.81
C LEU B 194 10.26 -2.40 -13.00
N LYS B 195 9.22 -2.53 -13.80
CA LYS B 195 9.05 -1.68 -14.97
C LYS B 195 9.15 -0.21 -14.64
N GLN B 196 8.77 0.14 -13.42
CA GLN B 196 8.78 1.52 -12.96
C GLN B 196 10.10 2.03 -12.43
N VAL B 197 10.96 1.13 -11.96
CA VAL B 197 12.23 1.55 -11.38
C VAL B 197 13.48 1.24 -12.19
N LEU B 198 13.42 0.17 -12.98
CA LEU B 198 14.57 -0.25 -13.76
C LEU B 198 14.40 -0.21 -15.29
N PRO B 199 15.52 -0.16 -16.02
CA PRO B 199 15.52 -0.12 -17.48
C PRO B 199 15.25 -1.55 -18.00
N GLU B 200 14.95 -1.69 -19.29
CA GLU B 200 14.65 -2.99 -19.87
C GLU B 200 15.73 -4.04 -19.67
N SER B 201 17.00 -3.64 -19.74
CA SER B 201 18.11 -4.56 -19.54
C SER B 201 18.86 -4.22 -18.27
N VAL B 202 19.21 -5.24 -17.52
CA VAL B 202 19.92 -5.04 -16.26
C VAL B 202 20.98 -6.10 -16.02
N ASN B 203 21.72 -5.91 -14.93
CA ASN B 203 22.75 -6.84 -14.50
C ASN B 203 22.25 -7.37 -13.17
N VAL B 204 22.56 -8.63 -12.87
CA VAL B 204 22.16 -9.19 -11.60
C VAL B 204 23.45 -9.62 -10.94
N GLY B 205 23.50 -9.56 -9.62
CA GLY B 205 24.70 -9.97 -8.92
C GLY B 205 24.68 -9.73 -7.43
N PHE B 206 25.86 -9.79 -6.82
CA PHE B 206 26.00 -9.59 -5.40
C PHE B 206 27.00 -8.49 -5.11
N SER B 207 26.89 -7.92 -3.91
CA SER B 207 27.79 -6.88 -3.47
C SER B 207 27.84 -6.92 -1.95
N ALA B 208 29.01 -6.69 -1.39
CA ALA B 208 29.17 -6.72 0.06
C ALA B 208 30.24 -5.72 0.49
N ALA B 209 30.28 -5.42 1.79
CA ALA B 209 31.27 -4.50 2.30
C ALA B 209 31.54 -4.72 3.79
N THR B 210 32.76 -4.42 4.20
CA THR B 210 33.13 -4.55 5.61
C THR B 210 33.25 -3.15 6.19
N GLY B 211 33.56 -3.08 7.48
CA GLY B 211 33.67 -1.80 8.16
C GLY B 211 34.41 -0.69 7.45
N ASP B 212 33.82 0.50 7.46
CA ASP B 212 34.42 1.67 6.83
C ASP B 212 35.44 2.27 7.80
N PRO B 213 36.61 2.71 7.28
CA PRO B 213 37.67 3.30 8.09
C PRO B 213 37.21 4.42 9.01
N SER B 214 36.31 5.27 8.51
CA SER B 214 35.82 6.39 9.29
C SER B 214 35.25 5.96 10.65
N GLY B 215 34.92 4.68 10.78
CA GLY B 215 34.40 4.17 12.04
C GLY B 215 35.53 3.86 13.02
N LYS B 216 36.75 3.81 12.51
CA LYS B 216 37.92 3.55 13.34
C LYS B 216 37.89 2.23 14.10
N GLN B 217 37.22 1.23 13.53
CA GLN B 217 37.14 -0.09 14.16
C GLN B 217 37.55 -1.19 13.18
N ARG B 218 38.76 -1.74 13.38
CA ARG B 218 39.26 -2.78 12.51
C ARG B 218 38.51 -4.10 12.71
N ASN B 219 37.82 -4.20 13.85
CA ASN B 219 37.04 -5.39 14.18
C ASN B 219 35.68 -5.38 13.48
N ALA B 220 35.32 -4.25 12.89
CA ALA B 220 34.05 -4.13 12.19
C ALA B 220 34.18 -4.85 10.85
N THR B 221 34.16 -6.18 10.90
CA THR B 221 34.28 -6.94 9.67
C THR B 221 33.75 -8.36 9.81
N GLU B 222 33.66 -9.06 8.69
CA GLU B 222 33.14 -10.41 8.63
C GLU B 222 33.34 -10.89 7.19
N THR B 223 33.10 -12.16 6.93
CA THR B 223 33.24 -12.67 5.58
C THR B 223 31.89 -12.55 4.90
N HIS B 224 31.91 -12.54 3.57
CA HIS B 224 30.70 -12.48 2.76
C HIS B 224 30.94 -13.42 1.60
N ASP B 225 30.77 -14.72 1.87
CA ASP B 225 30.98 -15.76 0.86
C ASP B 225 29.74 -16.30 0.18
N ILE B 226 29.82 -16.42 -1.15
CA ILE B 226 28.73 -16.98 -1.93
C ILE B 226 29.19 -18.38 -2.34
N LEU B 227 28.42 -19.40 -1.95
CA LEU B 227 28.79 -20.77 -2.24
C LEU B 227 28.25 -21.35 -3.55
N SER B 228 27.11 -20.87 -3.99
CA SER B 228 26.52 -21.37 -5.24
C SER B 228 25.44 -20.39 -5.66
N TRP B 229 24.97 -20.50 -6.90
CA TRP B 229 23.96 -19.54 -7.32
C TRP B 229 23.30 -19.92 -8.61
N SER B 230 21.96 -19.91 -8.59
CA SER B 230 21.20 -20.23 -9.78
C SER B 230 20.23 -19.09 -10.03
N PHE B 231 19.99 -18.79 -11.30
CA PHE B 231 19.09 -17.72 -11.66
C PHE B 231 18.24 -18.20 -12.80
N SER B 232 17.02 -17.68 -12.86
CA SER B 232 16.11 -18.04 -13.92
C SER B 232 15.12 -16.91 -14.09
N ALA B 233 14.96 -16.45 -15.33
CA ALA B 233 14.04 -15.37 -15.64
C ALA B 233 13.18 -15.77 -16.85
N SER B 234 11.93 -15.32 -16.86
CA SER B 234 11.03 -15.68 -17.94
C SER B 234 10.22 -14.49 -18.46
N LEU B 235 10.60 -13.98 -19.63
CA LEU B 235 9.91 -12.85 -20.24
C LEU B 235 8.93 -13.35 -21.30
N PRO B 236 7.63 -13.19 -21.05
CA PRO B 236 6.62 -13.65 -22.02
C PRO B 236 6.71 -12.94 -23.38
N GLY B 237 6.97 -11.64 -23.35
CA GLY B 237 7.09 -10.89 -24.59
C GLY B 237 8.16 -11.45 -25.50
N LYS C 1 2.66 8.17 18.80
CA LYS C 1 2.89 9.58 19.23
C LYS C 1 2.15 10.58 18.35
N THR C 2 1.59 11.59 18.99
CA THR C 2 0.89 12.63 18.27
C THR C 2 1.46 13.99 18.64
N ILE C 3 1.40 14.91 17.68
CA ILE C 3 1.86 16.26 17.89
C ILE C 3 0.78 17.09 17.21
N SER C 4 0.26 18.07 17.94
CA SER C 4 -0.82 18.89 17.40
C SER C 4 -0.71 20.32 17.92
N PHE C 5 -0.88 21.28 17.02
CA PHE C 5 -0.81 22.67 17.43
C PHE C 5 -1.69 23.51 16.53
N ASN C 6 -2.31 24.54 17.11
CA ASN C 6 -3.21 25.39 16.36
C ASN C 6 -2.92 26.88 16.55
N PHE C 7 -3.31 27.67 15.57
CA PHE C 7 -3.13 29.12 15.58
C PHE C 7 -4.35 29.75 14.91
N ASN C 8 -5.23 30.35 15.72
CA ASN C 8 -6.41 31.00 15.17
C ASN C 8 -6.01 32.38 14.70
N GLN C 9 -4.98 32.91 15.34
CA GLN C 9 -4.44 34.23 15.03
C GLN C 9 -3.00 34.21 15.55
N PHE C 10 -2.15 35.04 14.97
CA PHE C 10 -0.77 35.09 15.42
C PHE C 10 -0.52 36.28 16.34
N HIS C 11 0.15 36.01 17.45
CA HIS C 11 0.46 37.03 18.44
C HIS C 11 1.89 37.52 18.31
N GLN C 12 2.07 38.84 18.36
CA GLN C 12 3.40 39.42 18.29
C GLN C 12 4.12 38.75 19.45
N ASN C 13 5.41 38.47 19.27
CA ASN C 13 6.14 37.81 20.33
C ASN C 13 5.47 36.47 20.65
N GLU C 14 5.59 35.51 19.72
CA GLU C 14 5.01 34.18 19.89
C GLU C 14 6.13 33.19 20.14
N GLU C 15 6.10 32.52 21.28
CA GLU C 15 7.13 31.55 21.65
C GLU C 15 7.09 30.28 20.82
N GLN C 16 5.95 30.01 20.21
CA GLN C 16 5.78 28.81 19.40
C GLN C 16 6.31 28.95 17.99
N LEU C 17 6.59 30.18 17.56
CA LEU C 17 7.10 30.40 16.23
C LEU C 17 8.54 30.85 16.21
N LYS C 18 9.16 30.66 15.05
CA LYS C 18 10.53 31.08 14.85
C LYS C 18 10.45 31.87 13.55
N LEU C 19 10.72 33.16 13.63
CA LEU C 19 10.66 34.01 12.46
C LEU C 19 12.06 34.25 11.91
N GLN C 20 12.19 34.21 10.58
CA GLN C 20 13.48 34.42 9.96
C GLN C 20 13.39 35.48 8.87
N ARG C 21 14.49 36.22 8.70
CA ARG C 21 14.57 37.27 7.71
C ARG C 21 13.45 38.31 7.81
N ASP C 22 12.79 38.61 6.70
CA ASP C 22 11.74 39.61 6.67
C ASP C 22 10.41 39.26 7.32
N ALA C 23 10.27 38.03 7.81
CA ALA C 23 9.02 37.62 8.42
C ALA C 23 8.70 38.34 9.73
N ARG C 24 7.46 38.78 9.87
CA ARG C 24 7.03 39.41 11.11
C ARG C 24 5.52 39.42 11.27
N ILE C 25 5.10 39.45 12.53
CA ILE C 25 3.69 39.43 12.90
C ILE C 25 3.17 40.85 13.03
N SER C 26 2.09 41.15 12.32
CA SER C 26 1.50 42.48 12.34
C SER C 26 0.66 42.77 13.57
N SER C 27 0.27 44.03 13.72
CA SER C 27 -0.53 44.50 14.83
C SER C 27 -1.87 43.76 14.88
N ASN C 28 -2.54 43.66 13.74
CA ASN C 28 -3.82 42.98 13.69
C ASN C 28 -3.71 41.45 13.68
N SER C 29 -2.54 40.95 14.09
CA SER C 29 -2.28 39.52 14.20
C SER C 29 -2.14 38.64 12.95
N VAL C 30 -1.74 39.21 11.80
CA VAL C 30 -1.54 38.38 10.63
C VAL C 30 -0.03 38.14 10.49
N LEU C 31 0.34 36.96 10.00
CA LEU C 31 1.74 36.61 9.80
C LEU C 31 2.19 37.07 8.42
N GLU C 32 2.98 38.13 8.38
CA GLU C 32 3.46 38.65 7.11
C GLU C 32 4.83 38.06 6.80
N LEU C 33 4.85 37.13 5.85
CA LEU C 33 6.09 36.47 5.47
C LEU C 33 7.07 37.42 4.81
N THR C 34 6.57 38.22 3.87
CA THR C 34 7.43 39.16 3.18
C THR C 34 7.13 40.61 3.56
N LYS C 35 8.15 41.44 3.41
CA LYS C 35 8.10 42.85 3.74
C LYS C 35 6.99 43.69 3.12
N VAL C 36 6.36 44.51 3.95
CA VAL C 36 5.29 45.41 3.52
C VAL C 36 5.43 46.70 4.33
N VAL C 37 5.70 47.81 3.64
CA VAL C 37 5.88 49.09 4.33
C VAL C 37 4.81 50.11 3.98
N ASN C 38 4.18 50.64 5.02
CA ASN C 38 3.15 51.63 4.84
C ASN C 38 2.11 51.11 3.85
N GLY C 39 1.70 49.87 4.10
CA GLY C 39 0.68 49.24 3.29
C GLY C 39 1.08 48.83 1.89
N VAL C 40 2.37 48.91 1.57
CA VAL C 40 2.84 48.53 0.25
C VAL C 40 3.94 47.49 0.30
N PRO C 41 3.78 46.38 -0.43
CA PRO C 41 4.79 45.32 -0.45
C PRO C 41 5.99 45.73 -1.29
N THR C 42 7.18 45.38 -0.86
CA THR C 42 8.38 45.73 -1.58
C THR C 42 9.02 44.50 -2.19
N TRP C 43 9.98 44.73 -3.08
CA TRP C 43 10.69 43.65 -3.75
C TRP C 43 11.89 43.25 -2.90
N ASN C 44 12.72 42.36 -3.43
CA ASN C 44 13.92 41.93 -2.72
C ASN C 44 13.65 41.48 -1.29
N SER C 45 12.50 40.86 -1.06
CA SER C 45 12.14 40.40 0.29
C SER C 45 11.99 38.87 0.41
N THR C 46 12.44 38.32 1.53
CA THR C 46 12.35 36.90 1.78
C THR C 46 12.15 36.64 3.27
N GLY C 47 11.20 35.78 3.60
CA GLY C 47 10.92 35.47 4.98
C GLY C 47 10.37 34.07 5.20
N ARG C 48 10.65 33.52 6.38
CA ARG C 48 10.18 32.18 6.73
C ARG C 48 9.63 32.19 8.14
N ALA C 49 8.79 31.22 8.44
CA ALA C 49 8.20 31.07 9.76
C ALA C 49 8.16 29.58 10.04
N LEU C 50 8.89 29.14 11.06
CA LEU C 50 8.94 27.74 11.43
C LEU C 50 8.30 27.50 12.79
N TYR C 51 7.70 26.34 12.95
CA TYR C 51 7.13 25.98 14.24
C TYR C 51 8.39 25.70 15.07
N ALA C 52 8.52 26.37 16.20
CA ALA C 52 9.70 26.23 17.06
C ALA C 52 10.20 24.82 17.37
N LYS C 53 9.30 23.89 17.65
CA LYS C 53 9.72 22.52 17.99
C LYS C 53 9.75 21.58 16.77
N PRO C 54 10.66 20.59 16.77
CA PRO C 54 10.76 19.64 15.66
C PRO C 54 9.70 18.55 15.76
N VAL C 55 9.28 18.03 14.61
CA VAL C 55 8.27 16.96 14.60
C VAL C 55 8.93 15.71 14.02
N GLN C 56 8.53 14.55 14.52
CA GLN C 56 9.08 13.30 14.04
C GLN C 56 8.15 12.72 12.98
N VAL C 57 8.61 12.67 11.72
CA VAL C 57 7.78 12.12 10.65
C VAL C 57 7.94 10.62 10.46
N TRP C 58 9.02 10.04 10.96
CA TRP C 58 9.23 8.60 10.86
C TRP C 58 10.24 8.10 11.89
N ASP C 59 10.12 6.83 12.24
CA ASP C 59 10.98 6.21 13.24
C ASP C 59 11.81 5.09 12.64
N SER C 60 13.13 5.22 12.72
CA SER C 60 14.03 4.22 12.18
C SER C 60 13.94 2.87 12.88
N THR C 61 13.52 2.89 14.15
CA THR C 61 13.40 1.66 14.93
C THR C 61 12.28 0.75 14.41
N THR C 62 11.10 1.32 14.25
CA THR C 62 9.95 0.57 13.78
C THR C 62 9.77 0.67 12.27
N GLY C 63 10.38 1.69 11.66
CA GLY C 63 10.25 1.88 10.22
C GLY C 63 8.96 2.59 9.86
N ASN C 64 8.10 2.80 10.85
CA ASN C 64 6.81 3.47 10.64
C ASN C 64 6.94 4.94 10.21
N VAL C 65 5.99 5.38 9.41
CA VAL C 65 5.96 6.76 8.94
C VAL C 65 4.70 7.44 9.45
N ALA C 66 4.80 8.73 9.74
CA ALA C 66 3.67 9.47 10.26
C ALA C 66 2.72 9.92 9.17
N SER C 67 1.48 10.14 9.58
CA SER C 67 0.46 10.67 8.70
C SER C 67 0.21 12.04 9.32
N PHE C 68 -0.10 13.03 8.49
CA PHE C 68 -0.36 14.34 9.05
C PHE C 68 -1.37 15.11 8.24
N GLU C 69 -1.94 16.12 8.87
CA GLU C 69 -2.92 16.97 8.23
C GLU C 69 -2.64 18.39 8.69
N THR C 70 -2.69 19.33 7.75
CA THR C 70 -2.45 20.70 8.12
C THR C 70 -3.40 21.60 7.33
N ARG C 71 -3.92 22.61 8.02
CA ARG C 71 -4.85 23.55 7.41
C ARG C 71 -4.38 24.93 7.76
N PHE C 72 -4.51 25.85 6.79
CA PHE C 72 -4.13 27.23 7.02
C PHE C 72 -4.82 28.13 6.03
N SER C 73 -4.87 29.41 6.34
CA SER C 73 -5.46 30.38 5.44
C SER C 73 -4.40 31.43 5.12
N PHE C 74 -4.38 31.85 3.87
CA PHE C 74 -3.41 32.84 3.48
C PHE C 74 -4.09 33.86 2.58
N SER C 75 -3.39 34.95 2.35
CA SER C 75 -3.92 35.98 1.48
C SER C 75 -2.77 36.59 0.70
N ILE C 76 -2.98 36.71 -0.61
CA ILE C 76 -1.98 37.30 -1.48
C ILE C 76 -2.61 38.48 -2.20
N ARG C 77 -2.14 39.68 -1.90
CA ARG C 77 -2.66 40.89 -2.53
C ARG C 77 -1.67 41.48 -3.52
N GLN C 78 -2.07 41.52 -4.79
CA GLN C 78 -1.18 41.94 -5.86
C GLN C 78 -1.55 43.37 -6.28
N PRO C 79 -0.93 44.37 -5.65
CA PRO C 79 -1.16 45.79 -5.89
C PRO C 79 -0.79 46.25 -7.30
N PHE C 80 0.30 45.70 -7.84
CA PHE C 80 0.76 46.10 -9.15
C PHE C 80 0.59 45.00 -10.20
N PRO C 81 -0.51 45.04 -10.95
CA PRO C 81 -0.78 44.04 -11.98
C PRO C 81 0.38 43.87 -12.97
N ARG C 82 0.97 44.98 -13.38
CA ARG C 82 2.10 44.94 -14.32
C ARG C 82 3.39 45.38 -13.62
N PRO C 83 4.55 44.89 -14.09
CA PRO C 83 4.70 43.98 -15.22
C PRO C 83 4.38 42.54 -14.85
N HIS C 84 4.67 42.19 -13.59
CA HIS C 84 4.43 40.83 -13.09
C HIS C 84 4.66 40.66 -11.58
N PRO C 85 3.65 40.17 -10.86
CA PRO C 85 3.75 39.94 -9.41
C PRO C 85 4.75 38.81 -9.12
N ALA C 86 5.28 38.75 -7.90
CA ALA C 86 6.25 37.71 -7.56
C ALA C 86 6.59 37.66 -6.07
N ASP C 87 6.99 36.49 -5.56
CA ASP C 87 7.09 35.26 -6.35
C ASP C 87 6.05 34.23 -5.90
N GLY C 88 5.73 34.23 -4.62
CA GLY C 88 4.74 33.31 -4.10
C GLY C 88 5.16 32.79 -2.75
N LEU C 89 4.38 31.86 -2.21
CA LEU C 89 4.69 31.28 -0.90
C LEU C 89 4.60 29.75 -0.96
N VAL C 90 5.19 29.10 0.03
CA VAL C 90 5.18 27.65 0.07
C VAL C 90 5.03 27.13 1.48
N PHE C 91 4.57 25.89 1.59
CA PHE C 91 4.48 25.23 2.87
C PHE C 91 5.55 24.16 2.69
N PHE C 92 6.52 24.11 3.60
CA PHE C 92 7.57 23.12 3.46
C PHE C 92 7.87 22.37 4.73
N ILE C 93 8.65 21.31 4.55
CA ILE C 93 9.10 20.44 5.62
C ILE C 93 10.58 20.22 5.25
N ALA C 94 11.46 20.51 6.20
CA ALA C 94 12.88 20.36 5.94
C ALA C 94 13.61 19.88 7.18
N PRO C 95 14.91 19.60 7.04
CA PRO C 95 15.60 19.15 8.25
C PRO C 95 15.61 20.37 9.17
N PRO C 96 15.78 20.15 10.49
CA PRO C 96 15.80 21.29 11.40
C PRO C 96 17.12 22.06 11.32
N ASN C 97 17.10 23.30 11.80
CA ASN C 97 18.27 24.18 11.82
C ASN C 97 18.76 24.65 10.45
N THR C 98 17.87 24.73 9.47
CA THR C 98 18.26 25.20 8.14
C THR C 98 18.15 26.72 8.14
N GLN C 99 18.85 27.35 7.21
CA GLN C 99 18.78 28.79 7.09
C GLN C 99 18.01 29.16 5.83
N THR C 100 17.50 30.38 5.79
CA THR C 100 16.74 30.83 4.63
C THR C 100 17.58 30.66 3.37
N GLY C 101 16.96 30.16 2.32
CA GLY C 101 17.68 29.97 1.07
C GLY C 101 17.59 31.20 0.19
N GLU C 102 17.79 31.00 -1.10
CA GLU C 102 17.75 32.09 -2.07
C GLU C 102 16.31 32.60 -2.19
N GLY C 103 16.15 33.88 -2.51
CA GLY C 103 14.83 34.44 -2.65
C GLY C 103 14.27 34.21 -4.04
N GLY C 104 13.47 35.15 -4.53
CA GLY C 104 12.91 35.01 -5.85
C GLY C 104 12.18 33.69 -6.06
N GLY C 105 12.32 33.14 -7.27
CA GLY C 105 11.67 31.89 -7.61
C GLY C 105 12.04 30.71 -6.74
N TYR C 106 12.97 30.91 -5.80
CA TYR C 106 13.37 29.83 -4.93
C TYR C 106 12.63 29.87 -3.59
N PHE C 107 11.74 30.85 -3.45
CA PHE C 107 10.91 31.00 -2.26
C PHE C 107 11.64 31.06 -0.92
N GLY C 108 12.97 30.99 -0.93
CA GLY C 108 13.70 31.01 0.32
C GLY C 108 13.90 29.64 0.95
N ILE C 109 13.63 28.57 0.20
CA ILE C 109 13.81 27.21 0.72
C ILE C 109 14.92 26.44 0.02
N TYR C 110 15.36 26.94 -1.13
CA TYR C 110 16.42 26.29 -1.88
C TYR C 110 17.70 27.12 -1.83
N ASN C 111 18.79 26.46 -1.49
CA ASN C 111 20.11 27.09 -1.39
C ASN C 111 21.12 26.29 -2.20
N PRO C 112 21.36 26.68 -3.46
CA PRO C 112 22.30 26.00 -4.36
C PRO C 112 23.68 25.74 -3.76
N LEU C 113 24.10 26.63 -2.86
CA LEU C 113 25.40 26.50 -2.21
C LEU C 113 25.49 25.30 -1.26
N SER C 114 24.41 25.06 -0.52
CA SER C 114 24.34 23.94 0.44
C SER C 114 22.92 23.37 0.42
N PRO C 115 22.51 22.72 -0.69
CA PRO C 115 21.15 22.17 -0.77
C PRO C 115 20.81 21.19 0.35
N TYR C 116 19.62 21.37 0.93
CA TYR C 116 19.15 20.47 1.96
C TYR C 116 17.83 19.91 1.43
N PRO C 117 17.51 18.65 1.75
CA PRO C 117 16.26 18.07 1.27
C PRO C 117 15.03 18.74 1.84
N PHE C 118 13.93 18.66 1.09
CA PHE C 118 12.68 19.25 1.55
C PHE C 118 11.49 18.81 0.71
N VAL C 119 10.31 18.88 1.30
CA VAL C 119 9.05 18.57 0.61
C VAL C 119 8.25 19.85 0.80
N ALA C 120 7.69 20.37 -0.28
CA ALA C 120 6.93 21.60 -0.16
C ALA C 120 5.78 21.69 -1.13
N VAL C 121 4.76 22.44 -0.72
CA VAL C 121 3.59 22.68 -1.55
C VAL C 121 3.68 24.17 -1.86
N GLU C 122 3.81 24.51 -3.13
CA GLU C 122 3.97 25.90 -3.51
C GLU C 122 2.75 26.52 -4.16
N PHE C 123 2.62 27.82 -3.97
CA PHE C 123 1.56 28.62 -4.55
C PHE C 123 2.36 29.66 -5.31
N ASP C 124 2.73 29.25 -6.52
CA ASP C 124 3.56 30.01 -7.44
C ASP C 124 2.84 31.07 -8.25
N THR C 125 3.31 32.31 -8.15
CA THR C 125 2.70 33.41 -8.85
C THR C 125 3.52 34.01 -10.00
N PHE C 126 4.80 33.67 -10.09
CA PHE C 126 5.65 34.17 -11.16
C PHE C 126 6.15 33.02 -12.02
N ARG C 127 6.13 33.20 -13.35
CA ARG C 127 6.58 32.14 -14.23
C ARG C 127 8.07 32.16 -14.56
N ASN C 128 8.83 31.28 -13.90
CA ASN C 128 10.27 31.15 -14.15
C ASN C 128 10.45 30.24 -15.37
N THR C 129 11.69 30.11 -15.84
CA THR C 129 11.96 29.28 -17.03
C THR C 129 11.49 27.83 -16.86
N TRP C 130 11.52 27.34 -15.62
CA TRP C 130 11.11 25.97 -15.34
C TRP C 130 9.63 25.81 -14.99
N ASP C 131 8.88 26.91 -15.05
CA ASP C 131 7.45 26.86 -14.71
C ASP C 131 6.44 26.81 -15.81
N PRO C 132 5.27 26.27 -15.49
CA PRO C 132 4.16 26.18 -16.43
C PRO C 132 3.42 27.49 -16.17
N GLN C 133 2.28 27.70 -16.80
CA GLN C 133 1.51 28.92 -16.59
C GLN C 133 1.21 29.17 -15.10
N ILE C 134 1.24 30.43 -14.70
CA ILE C 134 0.95 30.80 -13.31
C ILE C 134 -0.37 31.55 -13.23
N PRO C 135 -0.99 31.60 -12.05
CA PRO C 135 -0.52 30.95 -10.82
C PRO C 135 -0.78 29.45 -10.89
N HIS C 136 -0.06 28.68 -10.08
CA HIS C 136 -0.28 27.25 -10.04
C HIS C 136 0.13 26.68 -8.68
N ILE C 137 -0.50 25.56 -8.33
CA ILE C 137 -0.16 24.89 -7.08
C ILE C 137 0.84 23.86 -7.56
N GLY C 138 1.87 23.61 -6.77
CA GLY C 138 2.84 22.62 -7.18
C GLY C 138 3.37 21.82 -6.03
N ILE C 139 3.73 20.57 -6.30
CA ILE C 139 4.29 19.72 -5.27
C ILE C 139 5.77 19.61 -5.59
N ASP C 140 6.59 20.07 -4.64
CA ASP C 140 8.04 20.08 -4.81
C ASP C 140 8.77 19.12 -3.90
N VAL C 141 9.66 18.33 -4.50
CA VAL C 141 10.47 17.39 -3.74
C VAL C 141 11.94 17.71 -4.00
N ASN C 142 12.62 18.26 -3.00
CA ASN C 142 14.04 18.62 -3.11
C ASN C 142 14.35 19.56 -4.27
N SER C 143 13.31 20.06 -4.92
CA SER C 143 13.51 20.95 -6.05
C SER C 143 12.33 21.87 -6.24
N VAL C 144 12.54 22.95 -6.97
CA VAL C 144 11.49 23.91 -7.24
C VAL C 144 10.83 23.56 -8.57
N ILE C 145 11.32 22.50 -9.20
CA ILE C 145 10.75 22.02 -10.45
C ILE C 145 9.74 20.96 -10.03
N SER C 146 8.50 21.39 -9.83
CA SER C 146 7.41 20.54 -9.37
C SER C 146 7.24 19.20 -10.06
N THR C 147 6.78 18.22 -9.30
CA THR C 147 6.55 16.87 -9.81
C THR C 147 5.17 16.88 -10.44
N LYS C 148 4.25 17.61 -9.81
CA LYS C 148 2.88 17.72 -10.28
C LYS C 148 2.50 19.19 -10.17
N THR C 149 1.68 19.65 -11.11
CA THR C 149 1.28 21.05 -11.13
C THR C 149 -0.17 21.22 -11.56
N VAL C 150 -0.85 22.20 -10.96
CA VAL C 150 -2.24 22.48 -11.33
C VAL C 150 -2.46 23.99 -11.27
N PRO C 151 -3.05 24.56 -12.33
CA PRO C 151 -3.31 25.99 -12.40
C PRO C 151 -4.50 26.45 -11.59
N PHE C 152 -4.46 27.68 -11.11
CA PHE C 152 -5.58 28.22 -10.35
C PHE C 152 -5.67 29.72 -10.56
N THR C 153 -6.85 30.28 -10.32
CA THR C 153 -7.04 31.72 -10.47
C THR C 153 -7.10 32.34 -9.08
N LEU C 154 -6.18 33.26 -8.82
CA LEU C 154 -6.11 33.92 -7.53
C LEU C 154 -7.27 34.88 -7.24
N ASP C 155 -7.62 34.99 -5.97
CA ASP C 155 -8.65 35.93 -5.56
C ASP C 155 -7.81 37.04 -4.93
N ASN C 156 -7.43 38.01 -5.76
CA ASN C 156 -6.60 39.13 -5.35
C ASN C 156 -7.03 39.72 -4.02
N GLY C 157 -6.17 39.59 -3.01
CA GLY C 157 -6.47 40.13 -1.70
C GLY C 157 -7.54 39.36 -0.95
N GLY C 158 -8.06 38.30 -1.58
CA GLY C 158 -9.09 37.49 -0.94
C GLY C 158 -8.50 36.47 0.01
N ILE C 159 -9.35 35.72 0.68
CA ILE C 159 -8.89 34.70 1.61
C ILE C 159 -8.88 33.34 0.93
N ALA C 160 -7.85 32.55 1.21
CA ALA C 160 -7.73 31.22 0.64
C ALA C 160 -7.62 30.19 1.76
N ASN C 161 -8.34 29.09 1.62
CA ASN C 161 -8.30 28.02 2.61
C ASN C 161 -7.57 26.85 1.98
N VAL C 162 -6.59 26.34 2.72
CA VAL C 162 -5.79 25.23 2.23
C VAL C 162 -5.85 24.06 3.20
N VAL C 163 -5.99 22.87 2.63
CA VAL C 163 -5.98 21.64 3.41
C VAL C 163 -4.92 20.74 2.77
N ILE C 164 -3.95 20.31 3.56
CA ILE C 164 -2.91 19.44 3.06
C ILE C 164 -2.94 18.19 3.92
N LYS C 165 -3.02 17.04 3.29
CA LYS C 165 -3.12 15.80 4.02
C LYS C 165 -2.11 14.78 3.48
N TYR C 166 -1.48 14.05 4.39
CA TYR C 166 -0.53 13.02 3.97
C TYR C 166 -0.87 11.68 4.59
N ASP C 167 -1.06 10.69 3.72
CA ASP C 167 -1.38 9.34 4.14
C ASP C 167 -0.15 8.43 4.08
N ALA C 168 0.37 8.04 5.24
CA ALA C 168 1.54 7.19 5.25
C ALA C 168 1.33 5.85 4.55
N SER C 169 0.17 5.24 4.74
CA SER C 169 -0.09 3.94 4.13
C SER C 169 -0.14 3.95 2.60
N THR C 170 -0.66 5.02 2.01
CA THR C 170 -0.74 5.09 0.56
C THR C 170 0.35 5.98 0.00
N LYS C 171 0.96 6.77 0.87
CA LYS C 171 2.01 7.73 0.49
C LYS C 171 1.44 8.82 -0.40
N ILE C 172 0.15 9.09 -0.28
CA ILE C 172 -0.48 10.12 -1.07
C ILE C 172 -0.49 11.46 -0.34
N LEU C 173 -0.02 12.49 -1.03
CA LEU C 173 -0.02 13.84 -0.49
C LEU C 173 -1.06 14.55 -1.33
N HIS C 174 -2.15 14.97 -0.70
CA HIS C 174 -3.18 15.67 -1.45
C HIS C 174 -3.44 17.02 -0.84
N VAL C 175 -3.49 18.04 -1.70
CA VAL C 175 -3.74 19.39 -1.22
C VAL C 175 -4.99 19.90 -1.89
N VAL C 176 -5.75 20.70 -1.14
CA VAL C 176 -6.98 21.28 -1.62
C VAL C 176 -6.87 22.78 -1.41
N LEU C 177 -7.30 23.54 -2.40
CA LEU C 177 -7.26 25.00 -2.33
C LEU C 177 -8.66 25.53 -2.56
N VAL C 178 -9.15 26.33 -1.63
CA VAL C 178 -10.49 26.89 -1.77
C VAL C 178 -10.53 28.40 -1.53
N PHE C 179 -11.21 29.10 -2.43
CA PHE C 179 -11.40 30.55 -2.32
C PHE C 179 -12.89 30.71 -2.03
N PRO C 180 -13.27 30.72 -0.73
CA PRO C 180 -14.67 30.85 -0.33
C PRO C 180 -15.49 31.98 -0.95
N SER C 181 -14.86 33.12 -1.26
CA SER C 181 -15.60 34.22 -1.87
C SER C 181 -16.00 33.94 -3.31
N LEU C 182 -15.24 33.08 -3.99
CA LEU C 182 -15.54 32.77 -5.38
C LEU C 182 -16.17 31.39 -5.50
N GLY C 183 -16.06 30.59 -4.46
CA GLY C 183 -16.62 29.25 -4.50
C GLY C 183 -15.81 28.29 -5.36
N THR C 184 -14.58 28.68 -5.70
CA THR C 184 -13.73 27.83 -6.53
C THR C 184 -12.93 26.82 -5.71
N ILE C 185 -12.78 25.62 -6.26
CA ILE C 185 -12.05 24.54 -5.60
C ILE C 185 -11.00 23.95 -6.51
N TYR C 186 -9.78 23.85 -6.01
CA TYR C 186 -8.68 23.30 -6.78
C TYR C 186 -8.09 22.15 -6.00
N THR C 187 -7.76 21.08 -6.70
CA THR C 187 -7.21 19.91 -6.04
C THR C 187 -6.01 19.34 -6.79
N ILE C 188 -5.06 18.81 -6.04
CA ILE C 188 -3.88 18.21 -6.63
C ILE C 188 -3.32 17.17 -5.68
N ALA C 189 -2.78 16.09 -6.23
CA ALA C 189 -2.23 15.03 -5.39
C ALA C 189 -1.06 14.34 -6.05
N ASP C 190 -0.22 13.71 -5.24
CA ASP C 190 0.92 12.97 -5.76
C ASP C 190 1.46 12.01 -4.72
N ILE C 191 2.31 11.10 -5.15
CA ILE C 191 2.90 10.12 -4.26
C ILE C 191 4.28 10.59 -3.84
N VAL C 192 4.48 10.66 -2.53
CA VAL C 192 5.73 11.12 -1.97
C VAL C 192 6.11 10.19 -0.82
N ASP C 193 7.35 9.70 -0.85
CA ASP C 193 7.82 8.80 0.20
C ASP C 193 8.69 9.61 1.15
N LEU C 194 8.10 10.14 2.21
CA LEU C 194 8.84 10.94 3.17
C LEU C 194 10.08 10.25 3.72
N LYS C 195 9.94 8.99 4.11
CA LYS C 195 11.04 8.22 4.67
C LYS C 195 12.25 8.22 3.76
N GLN C 196 12.00 8.35 2.47
CA GLN C 196 13.06 8.33 1.47
C GLN C 196 13.74 9.67 1.21
N VAL C 197 13.05 10.78 1.49
CA VAL C 197 13.64 12.08 1.22
C VAL C 197 14.03 12.90 2.45
N LEU C 198 13.36 12.68 3.57
CA LEU C 198 13.63 13.45 4.77
C LEU C 198 14.14 12.65 5.96
N PRO C 199 14.79 13.33 6.91
CA PRO C 199 15.33 12.71 8.12
C PRO C 199 14.18 12.47 9.12
N GLU C 200 14.41 11.66 10.15
CA GLU C 200 13.36 11.36 11.13
C GLU C 200 12.71 12.59 11.77
N SER C 201 13.50 13.62 12.06
CA SER C 201 12.97 14.84 12.65
C SER C 201 13.07 16.00 11.68
N VAL C 202 12.01 16.79 11.61
CA VAL C 202 11.97 17.91 10.70
C VAL C 202 11.29 19.13 11.31
N ASN C 203 11.31 20.22 10.53
CA ASN C 203 10.66 21.46 10.92
C ASN C 203 9.57 21.66 9.88
N VAL C 204 8.47 22.26 10.29
CA VAL C 204 7.39 22.53 9.35
C VAL C 204 7.17 24.03 9.40
N GLY C 205 6.77 24.61 8.28
CA GLY C 205 6.56 26.04 8.27
C GLY C 205 6.25 26.62 6.90
N PHE C 206 6.36 27.95 6.80
CA PHE C 206 6.09 28.65 5.56
C PHE C 206 7.28 29.48 5.14
N SER C 207 7.31 29.82 3.85
CA SER C 207 8.38 30.64 3.31
C SER C 207 7.83 31.31 2.07
N ALA C 208 8.22 32.57 1.87
CA ALA C 208 7.75 33.32 0.71
C ALA C 208 8.82 34.30 0.25
N ALA C 209 8.63 34.83 -0.95
CA ALA C 209 9.58 35.80 -1.50
C ALA C 209 8.95 36.69 -2.55
N THR C 210 9.46 37.91 -2.64
CA THR C 210 8.97 38.85 -3.64
C THR C 210 10.05 38.99 -4.71
N GLY C 211 9.76 39.80 -5.73
CA GLY C 211 10.68 39.99 -6.84
C GLY C 211 12.15 40.18 -6.49
N ASP C 212 13.00 39.47 -7.21
CA ASP C 212 14.44 39.56 -7.02
C ASP C 212 14.97 40.78 -7.77
N PRO C 213 15.90 41.53 -7.16
CA PRO C 213 16.47 42.74 -7.77
C PRO C 213 17.00 42.54 -9.19
N SER C 214 17.62 41.41 -9.43
CA SER C 214 18.18 41.11 -10.75
C SER C 214 17.15 41.26 -11.88
N GLY C 215 15.86 41.21 -11.53
CA GLY C 215 14.83 41.35 -12.53
C GLY C 215 14.58 42.81 -12.85
N LYS C 216 15.22 43.68 -12.07
CA LYS C 216 15.12 45.12 -12.24
C LYS C 216 13.68 45.62 -12.28
N GLN C 217 12.79 44.97 -11.52
CA GLN C 217 11.39 45.36 -11.47
C GLN C 217 10.90 45.48 -10.03
N ARG C 218 10.76 46.72 -9.55
CA ARG C 218 10.29 46.97 -8.20
C ARG C 218 8.82 46.61 -8.04
N ASN C 219 8.11 46.53 -9.16
CA ASN C 219 6.69 46.17 -9.17
C ASN C 219 6.48 44.66 -9.04
N ALA C 220 7.56 43.90 -9.15
CA ALA C 220 7.49 42.45 -9.03
C ALA C 220 7.33 42.10 -7.56
N THR C 221 6.15 42.31 -7.01
CA THR C 221 5.94 42.03 -5.60
C THR C 221 4.47 41.85 -5.27
N GLU C 222 4.20 41.41 -4.04
CA GLU C 222 2.85 41.16 -3.57
C GLU C 222 2.99 40.78 -2.10
N THR C 223 1.87 40.67 -1.39
CA THR C 223 1.94 40.28 0.00
C THR C 223 1.84 38.76 0.08
N HIS C 224 2.29 38.21 1.21
CA HIS C 224 2.23 36.78 1.46
C HIS C 224 1.86 36.65 2.93
N ASP C 225 0.56 36.81 3.22
CA ASP C 225 0.07 36.74 4.59
C ASP C 225 -0.59 35.44 5.01
N ILE C 226 -0.21 34.96 6.19
CA ILE C 226 -0.80 33.75 6.74
C ILE C 226 -1.73 34.20 7.86
N LEU C 227 -3.01 33.87 7.74
CA LEU C 227 -4.01 34.29 8.71
C LEU C 227 -4.26 33.35 9.88
N SER C 228 -4.07 32.06 9.65
CA SER C 228 -4.29 31.07 10.71
C SER C 228 -3.61 29.77 10.31
N TRP C 229 -3.33 28.90 11.26
CA TRP C 229 -2.62 27.66 10.96
C TRP C 229 -2.70 26.58 12.04
N SER C 230 -3.16 25.39 11.65
CA SER C 230 -3.26 24.26 12.57
C SER C 230 -2.51 23.08 11.95
N PHE C 231 -1.92 22.23 12.79
CA PHE C 231 -1.16 21.08 12.30
C PHE C 231 -1.37 19.83 13.17
N SER C 232 -1.42 18.67 12.54
CA SER C 232 -1.64 17.42 13.27
C SER C 232 -0.88 16.25 12.64
N ALA C 233 0.02 15.62 13.40
CA ALA C 233 0.79 14.47 12.91
C ALA C 233 0.72 13.23 13.83
N SER C 234 0.65 12.04 13.24
CA SER C 234 0.55 10.81 14.02
C SER C 234 1.54 9.72 13.59
N LEU C 235 2.43 9.35 14.51
CA LEU C 235 3.42 8.31 14.27
C LEU C 235 2.99 7.06 15.03
N PRO C 236 2.36 6.09 14.34
CA PRO C 236 1.92 4.87 15.02
C PRO C 236 3.07 4.09 15.68
N GLY C 237 2.78 3.52 16.84
CA GLY C 237 3.79 2.76 17.57
C GLY C 237 4.82 3.66 18.19
N LYS D 1 -9.26 11.96 -28.37
CA LYS D 1 -10.52 11.44 -27.76
C LYS D 1 -10.74 12.05 -26.37
N THR D 2 -11.66 13.00 -26.29
CA THR D 2 -11.98 13.68 -25.04
C THR D 2 -13.47 13.94 -24.88
N ILE D 3 -14.18 12.98 -24.30
CA ILE D 3 -15.62 13.14 -24.07
C ILE D 3 -15.82 14.16 -22.96
N SER D 4 -16.87 14.96 -23.05
CA SER D 4 -17.12 15.99 -22.03
C SER D 4 -18.55 16.50 -22.04
N PHE D 5 -19.16 16.60 -20.86
CA PHE D 5 -20.52 17.11 -20.76
C PHE D 5 -20.73 17.92 -19.48
N ASN D 6 -21.87 18.60 -19.41
CA ASN D 6 -22.18 19.43 -18.26
C ASN D 6 -23.68 19.60 -18.08
N PHE D 7 -24.10 19.82 -16.82
CA PHE D 7 -25.51 20.01 -16.49
C PHE D 7 -25.65 21.09 -15.44
N ASN D 8 -25.86 22.34 -15.87
CA ASN D 8 -26.01 23.46 -14.94
C ASN D 8 -27.23 23.17 -14.07
N GLN D 9 -28.15 22.37 -14.64
CA GLN D 9 -29.35 21.95 -13.95
C GLN D 9 -29.94 20.88 -14.86
N PHE D 10 -30.95 20.16 -14.38
CA PHE D 10 -31.55 19.09 -15.16
C PHE D 10 -32.89 19.50 -15.73
N HIS D 11 -33.32 18.79 -16.77
CA HIS D 11 -34.62 19.08 -17.41
C HIS D 11 -35.48 17.83 -17.55
N GLN D 12 -36.75 17.97 -17.16
CA GLN D 12 -37.72 16.88 -17.21
C GLN D 12 -37.66 16.03 -18.46
N ASN D 13 -37.25 16.62 -19.57
CA ASN D 13 -37.16 15.87 -20.81
C ASN D 13 -35.73 15.72 -21.26
N GLU D 14 -34.85 15.31 -20.35
CA GLU D 14 -33.44 15.15 -20.68
C GLU D 14 -33.18 13.90 -21.51
N GLU D 15 -32.61 14.10 -22.70
CA GLU D 15 -32.33 12.99 -23.61
C GLU D 15 -31.04 12.21 -23.41
N GLN D 16 -30.02 12.81 -22.79
CA GLN D 16 -28.78 12.08 -22.59
C GLN D 16 -28.57 11.52 -21.18
N LEU D 17 -29.67 11.34 -20.46
CA LEU D 17 -29.62 10.76 -19.13
C LEU D 17 -30.55 9.57 -19.14
N LYS D 18 -30.13 8.48 -18.51
CA LYS D 18 -30.97 7.30 -18.43
C LYS D 18 -31.36 7.16 -16.96
N LEU D 19 -32.63 7.43 -16.65
CA LEU D 19 -33.13 7.34 -15.28
C LEU D 19 -33.64 5.94 -15.04
N GLN D 20 -33.36 5.40 -13.86
CA GLN D 20 -33.79 4.05 -13.52
C GLN D 20 -34.52 4.03 -12.19
N ARG D 21 -35.48 3.11 -12.08
CA ARG D 21 -36.28 2.97 -10.87
C ARG D 21 -36.96 4.25 -10.41
N ASP D 22 -36.83 4.59 -9.13
CA ASP D 22 -37.47 5.79 -8.60
C ASP D 22 -36.90 7.14 -9.00
N ALA D 23 -35.81 7.14 -9.76
CA ALA D 23 -35.19 8.41 -10.15
C ALA D 23 -36.11 9.24 -11.03
N ARG D 24 -36.29 10.49 -10.65
CA ARG D 24 -37.16 11.39 -11.40
C ARG D 24 -36.63 12.82 -11.36
N ILE D 25 -36.95 13.60 -12.39
CA ILE D 25 -36.53 15.00 -12.48
C ILE D 25 -37.70 15.86 -12.04
N SER D 26 -37.45 16.73 -11.06
CA SER D 26 -38.49 17.59 -10.53
C SER D 26 -38.81 18.79 -11.41
N SER D 27 -39.86 19.50 -11.04
CA SER D 27 -40.31 20.69 -11.75
C SER D 27 -39.23 21.75 -11.77
N ASN D 28 -38.63 22.02 -10.61
CA ASN D 28 -37.58 23.03 -10.52
C ASN D 28 -36.22 22.56 -11.04
N SER D 29 -36.23 21.50 -11.84
CA SER D 29 -35.01 20.99 -12.47
C SER D 29 -33.98 20.24 -11.63
N VAL D 30 -34.35 19.71 -10.47
CA VAL D 30 -33.36 18.97 -9.68
C VAL D 30 -33.52 17.48 -9.94
N LEU D 31 -32.41 16.74 -9.91
CA LEU D 31 -32.44 15.31 -10.13
C LEU D 31 -32.66 14.61 -8.80
N GLU D 32 -33.86 14.07 -8.61
CA GLU D 32 -34.19 13.38 -7.37
C GLU D 32 -33.96 11.89 -7.56
N LEU D 33 -32.88 11.39 -6.97
CA LEU D 33 -32.54 9.98 -7.08
C LEU D 33 -33.54 9.08 -6.38
N THR D 34 -33.93 9.46 -5.18
CA THR D 34 -34.89 8.66 -4.43
C THR D 34 -36.24 9.37 -4.30
N LYS D 35 -37.27 8.55 -4.12
CA LYS D 35 -38.66 8.99 -4.01
C LYS D 35 -38.96 10.03 -2.94
N VAL D 36 -39.75 11.03 -3.33
CA VAL D 36 -40.17 12.10 -2.44
C VAL D 36 -41.61 12.47 -2.84
N VAL D 37 -42.56 12.26 -1.92
CA VAL D 37 -43.96 12.57 -2.21
C VAL D 37 -44.51 13.70 -1.35
N ASN D 38 -45.05 14.72 -2.02
CA ASN D 38 -45.62 15.88 -1.34
C ASN D 38 -44.60 16.53 -0.40
N GLY D 39 -43.34 16.61 -0.85
CA GLY D 39 -42.29 17.21 -0.06
C GLY D 39 -41.68 16.34 1.03
N VAL D 40 -42.07 15.07 1.07
CA VAL D 40 -41.55 14.16 2.08
C VAL D 40 -40.92 12.92 1.47
N PRO D 41 -39.67 12.63 1.84
CA PRO D 41 -38.97 11.45 1.31
C PRO D 41 -39.52 10.18 1.95
N THR D 42 -39.64 9.12 1.17
CA THR D 42 -40.15 7.86 1.70
C THR D 42 -39.05 6.82 1.77
N TRP D 43 -39.34 5.70 2.42
CA TRP D 43 -38.39 4.62 2.55
C TRP D 43 -38.56 3.67 1.38
N ASN D 44 -37.86 2.54 1.41
CA ASN D 44 -37.98 1.53 0.35
C ASN D 44 -37.81 2.11 -1.05
N SER D 45 -36.96 3.13 -1.19
CA SER D 45 -36.73 3.75 -2.50
C SER D 45 -35.30 3.60 -3.03
N THR D 46 -35.19 3.38 -4.34
CA THR D 46 -33.90 3.22 -4.98
C THR D 46 -33.94 3.82 -6.39
N GLY D 47 -32.93 4.59 -6.74
CA GLY D 47 -32.89 5.19 -8.06
C GLY D 47 -31.48 5.46 -8.56
N ARG D 48 -31.31 5.44 -9.88
CA ARG D 48 -30.02 5.67 -10.49
C ARG D 48 -30.20 6.61 -11.68
N ALA D 49 -29.11 7.25 -12.07
CA ALA D 49 -29.13 8.16 -13.19
C ALA D 49 -27.79 7.96 -13.89
N LEU D 50 -27.83 7.50 -15.14
CA LEU D 50 -26.62 7.26 -15.90
C LEU D 50 -26.52 8.19 -17.09
N TYR D 51 -25.30 8.56 -17.47
CA TYR D 51 -25.12 9.38 -18.65
C TYR D 51 -25.42 8.40 -19.78
N ALA D 52 -26.34 8.76 -20.66
CA ALA D 52 -26.77 7.89 -21.76
C ALA D 52 -25.68 7.23 -22.58
N LYS D 53 -24.66 8.01 -22.94
CA LYS D 53 -23.59 7.46 -23.75
C LYS D 53 -22.48 6.86 -22.90
N PRO D 54 -21.88 5.77 -23.40
CA PRO D 54 -20.80 5.13 -22.66
C PRO D 54 -19.50 5.91 -22.84
N VAL D 55 -18.62 5.84 -21.85
CA VAL D 55 -17.34 6.54 -21.94
C VAL D 55 -16.24 5.50 -21.95
N GLN D 56 -15.16 5.78 -22.67
CA GLN D 56 -14.06 4.84 -22.74
C GLN D 56 -12.98 5.24 -21.74
N VAL D 57 -12.78 4.44 -20.70
CA VAL D 57 -11.77 4.77 -19.69
C VAL D 57 -10.39 4.24 -20.00
N TRP D 58 -10.29 3.26 -20.89
CA TRP D 58 -8.99 2.73 -21.31
C TRP D 58 -9.08 1.99 -22.65
N ASP D 59 -7.95 1.95 -23.34
CA ASP D 59 -7.86 1.31 -24.65
C ASP D 59 -6.91 0.12 -24.64
N SER D 60 -7.44 -1.06 -24.97
CA SER D 60 -6.66 -2.28 -24.97
C SER D 60 -5.55 -2.27 -26.02
N THR D 61 -5.75 -1.50 -27.08
CA THR D 61 -4.77 -1.41 -28.15
C THR D 61 -3.48 -0.72 -27.71
N THR D 62 -3.61 0.46 -27.12
CA THR D 62 -2.47 1.22 -26.65
C THR D 62 -2.15 0.94 -25.19
N GLY D 63 -3.12 0.43 -24.45
CA GLY D 63 -2.92 0.15 -23.04
C GLY D 63 -3.12 1.38 -22.18
N ASN D 64 -3.29 2.52 -22.83
CA ASN D 64 -3.48 3.80 -22.13
C ASN D 64 -4.77 3.87 -21.32
N VAL D 65 -4.72 4.62 -20.23
CA VAL D 65 -5.88 4.79 -19.36
C VAL D 65 -6.25 6.26 -19.33
N ALA D 66 -7.55 6.53 -19.24
CA ALA D 66 -8.02 7.90 -19.22
C ALA D 66 -7.91 8.55 -17.86
N SER D 67 -7.86 9.87 -17.87
CA SER D 67 -7.82 10.67 -16.67
C SER D 67 -9.15 11.39 -16.75
N PHE D 68 -9.79 11.63 -15.62
CA PHE D 68 -11.05 12.33 -15.68
C PHE D 68 -11.28 13.21 -14.45
N GLU D 69 -12.20 14.14 -14.60
CA GLU D 69 -12.54 15.04 -13.52
C GLU D 69 -14.05 15.22 -13.55
N THR D 70 -14.69 15.17 -12.39
CA THR D 70 -16.12 15.36 -12.36
C THR D 70 -16.48 16.20 -11.16
N ARG D 71 -17.41 17.11 -11.35
CA ARG D 71 -17.87 17.99 -10.29
C ARG D 71 -19.38 17.94 -10.27
N PHE D 72 -19.96 17.99 -9.06
CA PHE D 72 -21.41 18.00 -8.94
C PHE D 72 -21.80 18.52 -7.58
N SER D 73 -23.05 18.94 -7.47
CA SER D 73 -23.55 19.44 -6.21
C SER D 73 -24.75 18.60 -5.83
N PHE D 74 -24.86 18.27 -4.55
CA PHE D 74 -25.97 17.47 -4.10
C PHE D 74 -26.50 18.05 -2.81
N SER D 75 -27.66 17.58 -2.40
CA SER D 75 -28.25 18.03 -1.17
C SER D 75 -28.98 16.86 -0.53
N ILE D 76 -28.72 16.67 0.76
CA ILE D 76 -29.35 15.61 1.52
C ILE D 76 -30.08 16.23 2.69
N ARG D 77 -31.40 16.15 2.68
CA ARG D 77 -32.22 16.72 3.75
C ARG D 77 -32.81 15.63 4.63
N GLN D 78 -32.43 15.62 5.91
CA GLN D 78 -32.82 14.56 6.82
C GLN D 78 -33.94 15.08 7.74
N PRO D 79 -35.20 14.92 7.31
CA PRO D 79 -36.40 15.35 8.04
C PRO D 79 -36.57 14.69 9.40
N PHE D 80 -36.29 13.40 9.47
CA PHE D 80 -36.46 12.65 10.72
C PHE D 80 -35.15 12.26 11.38
N PRO D 81 -34.69 13.09 12.33
CA PRO D 81 -33.46 12.92 13.11
C PRO D 81 -33.33 11.52 13.70
N ARG D 82 -34.41 11.07 14.36
CA ARG D 82 -34.42 9.75 14.97
C ARG D 82 -35.48 8.89 14.26
N PRO D 83 -35.28 7.57 14.23
CA PRO D 83 -34.15 6.82 14.80
C PRO D 83 -32.82 6.92 14.04
N HIS D 84 -32.89 6.89 12.71
CA HIS D 84 -31.67 6.93 11.90
C HIS D 84 -31.92 7.13 10.40
N PRO D 85 -31.39 8.23 9.84
CA PRO D 85 -31.54 8.53 8.41
C PRO D 85 -30.81 7.48 7.57
N ALA D 86 -31.29 7.22 6.36
CA ALA D 86 -30.66 6.22 5.51
C ALA D 86 -31.05 6.44 4.04
N ASP D 87 -30.24 5.97 3.09
CA ASP D 87 -28.99 5.26 3.33
C ASP D 87 -27.78 6.03 2.84
N GLY D 88 -27.93 6.71 1.70
CA GLY D 88 -26.83 7.50 1.17
C GLY D 88 -26.82 7.53 -0.36
N LEU D 89 -25.81 8.19 -0.92
CA LEU D 89 -25.71 8.25 -2.37
C LEU D 89 -24.28 8.08 -2.85
N VAL D 90 -24.13 7.51 -4.04
CA VAL D 90 -22.81 7.30 -4.60
C VAL D 90 -22.69 7.78 -6.05
N PHE D 91 -21.45 8.06 -6.44
CA PHE D 91 -21.13 8.41 -7.80
C PHE D 91 -20.44 7.11 -8.20
N PHE D 92 -20.80 6.53 -9.34
CA PHE D 92 -20.16 5.28 -9.72
C PHE D 92 -19.83 5.09 -11.20
N ILE D 93 -18.92 4.15 -11.43
CA ILE D 93 -18.47 3.77 -12.76
C ILE D 93 -18.63 2.25 -12.83
N ALA D 94 -19.40 1.76 -13.80
CA ALA D 94 -19.63 0.32 -13.94
C ALA D 94 -19.79 -0.08 -15.41
N PRO D 95 -19.83 -1.40 -15.69
CA PRO D 95 -19.99 -1.86 -17.08
C PRO D 95 -21.26 -1.31 -17.69
N PRO D 96 -21.35 -1.32 -19.03
CA PRO D 96 -22.55 -0.81 -19.70
C PRO D 96 -23.79 -1.70 -19.46
N ASN D 97 -24.95 -1.05 -19.48
CA ASN D 97 -26.25 -1.69 -19.27
C ASN D 97 -26.35 -2.76 -18.17
N THR D 98 -26.14 -2.33 -16.93
CA THR D 98 -26.24 -3.20 -15.75
C THR D 98 -27.52 -2.78 -15.04
N GLN D 99 -28.12 -3.70 -14.31
CA GLN D 99 -29.37 -3.40 -13.61
C GLN D 99 -29.12 -2.87 -12.21
N THR D 100 -30.10 -2.14 -11.69
CA THR D 100 -30.03 -1.61 -10.35
C THR D 100 -29.79 -2.78 -9.40
N GLY D 101 -28.91 -2.59 -8.44
CA GLY D 101 -28.63 -3.65 -7.49
C GLY D 101 -29.56 -3.58 -6.29
N GLU D 102 -29.14 -4.17 -5.19
CA GLU D 102 -29.91 -4.18 -3.95
C GLU D 102 -29.99 -2.76 -3.40
N GLY D 103 -31.08 -2.46 -2.69
CA GLY D 103 -31.23 -1.14 -2.12
C GLY D 103 -30.57 -1.06 -0.76
N GLY D 104 -31.12 -0.25 0.14
CA GLY D 104 -30.54 -0.11 1.46
C GLY D 104 -29.07 0.28 1.44
N GLY D 105 -28.31 -0.31 2.35
CA GLY D 105 -26.89 -0.02 2.46
C GLY D 105 -26.08 -0.35 1.22
N TYR D 106 -26.72 -0.94 0.22
CA TYR D 106 -26.02 -1.27 -1.02
C TYR D 106 -26.18 -0.20 -2.09
N PHE D 107 -26.91 0.86 -1.73
CA PHE D 107 -27.12 2.01 -2.62
C PHE D 107 -27.67 1.71 -4.01
N GLY D 108 -27.93 0.44 -4.31
CA GLY D 108 -28.44 0.09 -5.62
C GLY D 108 -27.35 -0.19 -6.65
N ILE D 109 -26.09 -0.33 -6.21
CA ILE D 109 -25.00 -0.61 -7.13
C ILE D 109 -24.38 -1.99 -6.93
N TYR D 110 -24.70 -2.62 -5.81
CA TYR D 110 -24.17 -3.96 -5.54
C TYR D 110 -25.29 -4.99 -5.61
N ASN D 111 -25.02 -6.06 -6.35
CA ASN D 111 -25.98 -7.15 -6.53
C ASN D 111 -25.27 -8.47 -6.24
N PRO D 112 -25.41 -8.99 -4.99
CA PRO D 112 -24.80 -10.24 -4.54
C PRO D 112 -25.05 -11.43 -5.45
N LEU D 113 -26.26 -11.49 -5.99
CA LEU D 113 -26.60 -12.58 -6.87
C LEU D 113 -25.70 -12.55 -8.10
N SER D 114 -25.86 -11.51 -8.91
CA SER D 114 -25.07 -11.36 -10.11
C SER D 114 -24.24 -10.08 -10.02
N PRO D 115 -23.16 -10.11 -9.22
CA PRO D 115 -22.25 -8.98 -9.01
C PRO D 115 -21.50 -8.54 -10.26
N TYR D 116 -21.46 -7.23 -10.47
CA TYR D 116 -20.71 -6.68 -11.59
C TYR D 116 -19.69 -5.72 -10.97
N PRO D 117 -18.50 -5.61 -11.58
CA PRO D 117 -17.49 -4.72 -11.02
C PRO D 117 -17.87 -3.25 -11.06
N PHE D 118 -17.32 -2.47 -10.16
CA PHE D 118 -17.61 -1.05 -10.12
C PHE D 118 -16.66 -0.29 -9.22
N VAL D 119 -16.53 1.00 -9.47
CA VAL D 119 -15.70 1.88 -8.64
C VAL D 119 -16.69 2.95 -8.25
N ALA D 120 -16.77 3.28 -6.95
CA ALA D 120 -17.71 4.28 -6.51
C ALA D 120 -17.24 5.11 -5.33
N VAL D 121 -17.73 6.33 -5.24
CA VAL D 121 -17.41 7.22 -4.14
C VAL D 121 -18.76 7.35 -3.44
N GLU D 122 -18.81 6.95 -2.18
CA GLU D 122 -20.05 6.99 -1.44
C GLU D 122 -20.12 8.06 -0.39
N PHE D 123 -21.34 8.51 -0.14
CA PHE D 123 -21.64 9.50 0.88
C PHE D 123 -22.65 8.75 1.73
N ASP D 124 -22.10 7.96 2.64
CA ASP D 124 -22.82 7.08 3.53
C ASP D 124 -23.41 7.72 4.77
N THR D 125 -24.72 7.58 4.94
CA THR D 125 -25.42 8.18 6.07
C THR D 125 -25.94 7.22 7.13
N PHE D 126 -25.98 5.93 6.81
CA PHE D 126 -26.45 4.93 7.76
C PHE D 126 -25.33 3.95 8.12
N ARG D 127 -25.19 3.62 9.39
CA ARG D 127 -24.12 2.71 9.77
C ARG D 127 -24.49 1.22 9.75
N ASN D 128 -24.05 0.53 8.70
CA ASN D 128 -24.30 -0.91 8.58
C ASN D 128 -23.22 -1.65 9.39
N THR D 129 -23.34 -2.97 9.50
CA THR D 129 -22.38 -3.75 10.28
C THR D 129 -20.94 -3.58 9.78
N TRP D 130 -20.77 -3.36 8.48
CA TRP D 130 -19.45 -3.19 7.90
C TRP D 130 -18.94 -1.74 7.87
N ASP D 131 -19.72 -0.82 8.42
CA ASP D 131 -19.35 0.59 8.42
C ASP D 131 -18.74 1.19 9.66
N PRO D 132 -17.99 2.27 9.46
CA PRO D 132 -17.35 2.99 10.56
C PRO D 132 -18.43 4.05 10.89
N GLN D 133 -18.14 4.97 11.78
CA GLN D 133 -19.10 6.00 12.14
C GLN D 133 -19.59 6.77 10.90
N ILE D 134 -20.87 7.15 10.90
CA ILE D 134 -21.44 7.91 9.78
C ILE D 134 -21.78 9.32 10.25
N PRO D 135 -21.90 10.26 9.31
CA PRO D 135 -21.73 10.05 7.86
C PRO D 135 -20.25 9.95 7.55
N HIS D 136 -19.93 9.35 6.40
CA HIS D 136 -18.54 9.26 5.98
C HIS D 136 -18.46 9.18 4.46
N ILE D 137 -17.31 9.62 3.93
CA ILE D 137 -17.07 9.53 2.50
C ILE D 137 -16.31 8.23 2.40
N GLY D 138 -16.55 7.46 1.35
CA GLY D 138 -15.83 6.22 1.21
C GLY D 138 -15.50 5.90 -0.23
N ILE D 139 -14.40 5.19 -0.42
CA ILE D 139 -14.01 4.81 -1.76
C ILE D 139 -14.27 3.31 -1.83
N ASP D 140 -15.16 2.93 -2.76
CA ASP D 140 -15.54 1.54 -2.93
C ASP D 140 -15.07 0.93 -4.23
N VAL D 141 -14.48 -0.25 -4.13
CA VAL D 141 -14.01 -0.99 -5.29
C VAL D 141 -14.67 -2.36 -5.29
N ASN D 142 -15.63 -2.57 -6.19
CA ASN D 142 -16.35 -3.84 -6.30
C ASN D 142 -17.06 -4.26 -5.02
N SER D 143 -17.06 -3.39 -4.04
CA SER D 143 -17.68 -3.72 -2.77
C SER D 143 -18.14 -2.46 -2.06
N VAL D 144 -19.02 -2.64 -1.09
CA VAL D 144 -19.54 -1.55 -0.30
C VAL D 144 -18.71 -1.42 0.98
N ILE D 145 -17.72 -2.29 1.12
CA ILE D 145 -16.82 -2.24 2.27
C ILE D 145 -15.63 -1.41 1.79
N SER D 146 -15.73 -0.10 2.01
CA SER D 146 -14.72 0.86 1.57
C SER D 146 -13.27 0.52 1.84
N THR D 147 -12.40 0.95 0.93
CA THR D 147 -10.97 0.73 1.05
C THR D 147 -10.43 1.82 1.96
N LYS D 148 -10.98 3.02 1.80
CA LYS D 148 -10.57 4.17 2.59
C LYS D 148 -11.84 4.88 3.02
N THR D 149 -11.81 5.46 4.21
CA THR D 149 -12.99 6.14 4.75
C THR D 149 -12.64 7.41 5.53
N VAL D 150 -13.47 8.42 5.42
CA VAL D 150 -13.25 9.66 6.16
C VAL D 150 -14.60 10.22 6.62
N PRO D 151 -14.71 10.55 7.91
CA PRO D 151 -15.96 11.09 8.47
C PRO D 151 -16.21 12.54 8.13
N PHE D 152 -17.48 12.92 8.05
CA PHE D 152 -17.83 14.31 7.75
C PHE D 152 -19.15 14.65 8.42
N THR D 153 -19.38 15.93 8.65
CA THR D 153 -20.62 16.39 9.27
C THR D 153 -21.50 16.99 8.19
N LEU D 154 -22.68 16.42 8.02
CA LEU D 154 -23.62 16.88 7.00
C LEU D 154 -24.23 18.25 7.28
N ASP D 155 -24.53 18.98 6.22
CA ASP D 155 -25.19 20.26 6.36
C ASP D 155 -26.61 19.91 5.93
N ASN D 156 -27.42 19.52 6.91
CA ASN D 156 -28.81 19.12 6.67
C ASN D 156 -29.53 20.05 5.71
N GLY D 157 -29.92 19.52 4.55
CA GLY D 157 -30.62 20.32 3.57
C GLY D 157 -29.76 21.37 2.89
N GLY D 158 -28.49 21.44 3.27
CA GLY D 158 -27.59 22.42 2.66
C GLY D 158 -27.04 21.92 1.33
N ILE D 159 -26.24 22.75 0.68
CA ILE D 159 -25.65 22.37 -0.59
C ILE D 159 -24.22 21.87 -0.37
N ALA D 160 -23.86 20.82 -1.11
CA ALA D 160 -22.53 20.25 -1.00
C ALA D 160 -21.87 20.25 -2.38
N ASN D 161 -20.61 20.65 -2.42
CA ASN D 161 -19.86 20.67 -3.68
C ASN D 161 -18.85 19.54 -3.62
N VAL D 162 -18.83 18.74 -4.68
CA VAL D 162 -17.93 17.62 -4.75
C VAL D 162 -17.04 17.70 -5.98
N VAL D 163 -15.76 17.40 -5.79
CA VAL D 163 -14.81 17.37 -6.88
C VAL D 163 -14.13 16.01 -6.80
N ILE D 164 -14.20 15.24 -7.88
CA ILE D 164 -13.57 13.93 -7.92
C ILE D 164 -12.61 13.96 -9.10
N LYS D 165 -11.37 13.58 -8.84
CA LYS D 165 -10.36 13.61 -9.87
C LYS D 165 -9.58 12.30 -9.91
N TYR D 166 -9.30 11.82 -11.12
CA TYR D 166 -8.54 10.60 -11.26
C TYR D 166 -7.32 10.80 -12.16
N ASP D 167 -6.15 10.51 -11.61
CA ASP D 167 -4.89 10.64 -12.32
C ASP D 167 -4.40 9.28 -12.84
N ALA D 168 -4.48 9.06 -14.13
CA ALA D 168 -4.03 7.79 -14.67
C ALA D 168 -2.55 7.48 -14.38
N SER D 169 -1.69 8.49 -14.48
CA SER D 169 -0.27 8.28 -14.25
C SER D 169 0.09 7.86 -12.82
N THR D 170 -0.61 8.39 -11.83
CA THR D 170 -0.33 8.04 -10.45
C THR D 170 -1.35 7.06 -9.89
N LYS D 171 -2.47 6.93 -10.60
CA LYS D 171 -3.56 6.05 -10.21
C LYS D 171 -4.21 6.54 -8.94
N ILE D 172 -4.10 7.84 -8.68
CA ILE D 172 -4.69 8.41 -7.48
C ILE D 172 -6.09 8.93 -7.75
N LEU D 173 -7.02 8.51 -6.92
CA LEU D 173 -8.40 8.96 -7.01
C LEU D 173 -8.55 9.84 -5.78
N HIS D 174 -8.77 11.13 -5.97
CA HIS D 174 -8.96 12.01 -4.82
C HIS D 174 -10.28 12.73 -4.93
N VAL D 175 -11.01 12.73 -3.82
CA VAL D 175 -12.29 13.40 -3.79
C VAL D 175 -12.26 14.47 -2.73
N VAL D 176 -12.93 15.58 -3.01
CA VAL D 176 -13.01 16.72 -2.11
C VAL D 176 -14.48 17.01 -1.88
N LEU D 177 -14.83 17.27 -0.64
CA LEU D 177 -16.22 17.57 -0.27
C LEU D 177 -16.24 18.90 0.43
N VAL D 178 -17.07 19.82 -0.06
CA VAL D 178 -17.15 21.14 0.55
C VAL D 178 -18.58 21.59 0.78
N PHE D 179 -18.83 22.11 1.98
CA PHE D 179 -20.15 22.62 2.34
C PHE D 179 -19.92 24.12 2.46
N PRO D 180 -20.13 24.87 1.37
CA PRO D 180 -19.95 26.32 1.35
C PRO D 180 -20.61 27.15 2.46
N SER D 181 -21.77 26.72 2.94
CA SER D 181 -22.44 27.46 4.01
C SER D 181 -21.73 27.33 5.35
N LEU D 182 -20.99 26.24 5.54
CA LEU D 182 -20.28 26.03 6.80
C LEU D 182 -18.79 26.28 6.65
N GLY D 183 -18.32 26.30 5.40
CA GLY D 183 -16.91 26.51 5.15
C GLY D 183 -16.05 25.30 5.49
N THR D 184 -16.69 24.15 5.64
CA THR D 184 -15.97 22.93 5.97
C THR D 184 -15.46 22.21 4.71
N ILE D 185 -14.26 21.64 4.83
CA ILE D 185 -13.63 20.95 3.72
C ILE D 185 -13.17 19.56 4.14
N TYR D 186 -13.57 18.56 3.37
CA TYR D 186 -13.18 17.18 3.66
C TYR D 186 -12.47 16.64 2.45
N THR D 187 -11.41 15.88 2.70
CA THR D 187 -10.64 15.31 1.61
C THR D 187 -10.29 13.85 1.87
N ILE D 188 -10.24 13.07 0.80
CA ILE D 188 -9.91 11.66 0.89
C ILE D 188 -9.33 11.20 -0.43
N ALA D 189 -8.36 10.29 -0.38
CA ALA D 189 -7.73 9.81 -1.60
C ALA D 189 -7.27 8.37 -1.47
N ASP D 190 -7.12 7.70 -2.59
CA ASP D 190 -6.65 6.33 -2.59
C ASP D 190 -6.17 5.93 -3.97
N ILE D 191 -5.45 4.81 -4.04
CA ILE D 191 -4.94 4.31 -5.29
C ILE D 191 -5.88 3.27 -5.85
N VAL D 192 -6.31 3.49 -7.08
CA VAL D 192 -7.22 2.59 -7.77
C VAL D 192 -6.74 2.37 -9.19
N ASP D 193 -6.62 1.11 -9.60
CA ASP D 193 -6.18 0.78 -10.94
C ASP D 193 -7.41 0.44 -11.77
N LEU D 194 -7.96 1.43 -12.48
CA LEU D 194 -9.16 1.20 -13.28
C LEU D 194 -9.01 0.06 -14.28
N LYS D 195 -7.89 0.06 -14.99
CA LYS D 195 -7.62 -0.97 -15.99
C LYS D 195 -7.77 -2.38 -15.43
N GLN D 196 -7.50 -2.52 -14.13
CA GLN D 196 -7.56 -3.81 -13.45
C GLN D 196 -8.95 -4.22 -12.97
N VAL D 197 -9.84 -3.26 -12.74
CA VAL D 197 -11.16 -3.60 -12.23
C VAL D 197 -12.32 -3.41 -13.19
N LEU D 198 -12.17 -2.50 -14.14
CA LEU D 198 -13.24 -2.21 -15.08
C LEU D 198 -12.92 -2.50 -16.54
N PRO D 199 -13.98 -2.68 -17.36
CA PRO D 199 -13.83 -2.96 -18.79
C PRO D 199 -13.52 -1.64 -19.52
N GLU D 200 -13.07 -1.72 -20.77
CA GLU D 200 -12.72 -0.52 -21.53
C GLU D 200 -13.81 0.54 -21.61
N SER D 201 -15.07 0.11 -21.74
CA SER D 201 -16.17 1.06 -21.80
C SER D 201 -17.06 0.92 -20.57
N VAL D 202 -17.46 2.06 -20.02
CA VAL D 202 -18.28 2.06 -18.83
C VAL D 202 -19.36 3.15 -18.86
N ASN D 203 -20.21 3.13 -17.84
CA ASN D 203 -21.25 4.12 -17.67
C ASN D 203 -20.88 4.86 -16.39
N VAL D 204 -21.20 6.14 -16.33
CA VAL D 204 -20.91 6.92 -15.15
C VAL D 204 -22.25 7.46 -14.68
N GLY D 205 -22.43 7.62 -13.38
CA GLY D 205 -23.68 8.12 -12.88
C GLY D 205 -23.81 8.13 -11.37
N PHE D 206 -25.04 8.29 -10.90
CA PHE D 206 -25.32 8.32 -9.48
C PHE D 206 -26.35 7.27 -9.11
N SER D 207 -26.37 6.92 -7.83
CA SER D 207 -27.32 5.95 -7.31
C SER D 207 -27.50 6.24 -5.84
N ALA D 208 -28.73 6.11 -5.36
CA ALA D 208 -29.03 6.36 -3.95
C ALA D 208 -30.14 5.44 -3.47
N ALA D 209 -30.30 5.37 -2.16
CA ALA D 209 -31.35 4.52 -1.59
C ALA D 209 -31.74 4.98 -0.20
N THR D 210 -33.01 4.76 0.15
CA THR D 210 -33.50 5.12 1.47
C THR D 210 -33.70 3.84 2.27
N GLY D 211 -34.12 3.98 3.52
CA GLY D 211 -34.32 2.82 4.39
C GLY D 211 -35.00 1.60 3.80
N ASP D 212 -34.41 0.44 4.05
CA ASP D 212 -34.97 -0.82 3.57
C ASP D 212 -36.08 -1.26 4.52
N PRO D 213 -37.19 -1.79 3.97
CA PRO D 213 -38.34 -2.24 4.77
C PRO D 213 -37.98 -3.19 5.91
N SER D 214 -37.05 -4.10 5.65
CA SER D 214 -36.64 -5.08 6.65
C SER D 214 -36.22 -4.43 7.96
N GLY D 215 -35.88 -3.14 7.91
CA GLY D 215 -35.48 -2.43 9.12
C GLY D 215 -36.70 -1.97 9.91
N LYS D 216 -37.86 -2.07 9.28
CA LYS D 216 -39.15 -1.70 9.88
C LYS D 216 -39.28 -0.23 10.34
N GLN D 217 -38.48 0.66 9.77
CA GLN D 217 -38.51 2.08 10.15
C GLN D 217 -38.80 3.00 8.95
N ARG D 218 -40.00 3.54 8.91
CA ARG D 218 -40.41 4.44 7.83
C ARG D 218 -39.67 5.77 7.91
N ASN D 219 -39.12 6.08 9.08
CA ASN D 219 -38.38 7.32 9.29
C ASN D 219 -36.95 7.21 8.77
N ALA D 220 -36.53 6.01 8.39
CA ALA D 220 -35.18 5.78 7.87
C ALA D 220 -35.15 6.27 6.42
N THR D 221 -35.12 7.59 6.25
CA THR D 221 -35.11 8.13 4.91
C THR D 221 -34.59 9.56 4.88
N GLU D 222 -34.39 10.07 3.66
CA GLU D 222 -33.85 11.41 3.45
C GLU D 222 -33.88 11.63 1.95
N THR D 223 -33.61 12.84 1.50
CA THR D 223 -33.58 13.11 0.07
C THR D 223 -32.15 12.88 -0.43
N HIS D 224 -32.04 12.67 -1.74
CA HIS D 224 -30.76 12.49 -2.37
C HIS D 224 -30.85 13.23 -3.70
N ASP D 225 -30.69 14.54 -3.63
CA ASP D 225 -30.80 15.40 -4.81
C ASP D 225 -29.49 15.84 -5.45
N ILE D 226 -29.43 15.73 -6.76
CA ILE D 226 -28.25 16.17 -7.51
C ILE D 226 -28.64 17.47 -8.20
N LEU D 227 -27.92 18.55 -7.89
CA LEU D 227 -28.23 19.86 -8.45
C LEU D 227 -27.56 20.23 -9.76
N SER D 228 -26.37 19.69 -10.00
CA SER D 228 -25.64 19.99 -11.23
C SER D 228 -24.55 18.96 -11.38
N TRP D 229 -24.03 18.82 -12.60
CA TRP D 229 -23.02 17.82 -12.85
C TRP D 229 -22.25 18.06 -14.15
N SER D 230 -20.92 18.06 -14.03
CA SER D 230 -20.03 18.26 -15.18
C SER D 230 -19.02 17.11 -15.17
N PHE D 231 -18.66 16.63 -16.35
CA PHE D 231 -17.75 15.50 -16.47
C PHE D 231 -16.75 15.72 -17.59
N SER D 232 -15.52 15.30 -17.38
CA SER D 232 -14.48 15.45 -18.39
C SER D 232 -13.45 14.32 -18.33
N ALA D 233 -13.24 13.65 -19.45
CA ALA D 233 -12.28 12.56 -19.52
C ALA D 233 -11.37 12.68 -20.74
N SER D 234 -10.12 12.27 -20.59
CA SER D 234 -9.15 12.33 -21.68
C SER D 234 -8.43 11.01 -21.82
N LEU D 235 -8.49 10.44 -23.01
CA LEU D 235 -7.82 9.17 -23.27
C LEU D 235 -6.59 9.50 -24.12
N PRO D 236 -5.42 9.63 -23.48
CA PRO D 236 -4.21 9.94 -24.25
C PRO D 236 -4.16 9.17 -25.57
N GLY D 237 -4.20 7.85 -25.47
CA GLY D 237 -4.17 7.02 -26.67
C GLY D 237 -5.47 6.27 -26.88
#